data_1N76
#
_entry.id   1N76
#
_cell.length_a   56.052
_cell.length_b   97.507
_cell.length_c   156.790
_cell.angle_alpha   90.00
_cell.angle_beta   90.00
_cell.angle_gamma   90.00
#
_symmetry.space_group_name_H-M   'P 21 21 21'
#
loop_
_entity.id
_entity.type
_entity.pdbx_description
1 polymer LACTOFERRIN
2 non-polymer 'SODIUM ION'
3 non-polymer 'FE (III) ION'
4 non-polymer 'CARBONATE ION'
#
_entity_poly.entity_id   1
_entity_poly.type   'polypeptide(L)'
_entity_poly.pdbx_seq_one_letter_code
;RRRSVQWCTVSQPEATKCFQWQRNMRRVRGPPVSCIKRDSPIQCIQAIAENRADAVTLDGGFIYEAGLAPYKLRPVAAEV
YGTERQPRTHYYAVAVVKKGGSFQLNELQGLKSCHTGLRRTAGWNVPIGTLRPFLNWTGPPEPIEAAVARFFSASCVPGA
DKGQFPNLCRLCAGTGENKCAFSSQEPYFSYSGAFKCLRDGAGDVAFIRESTVFEDLSDEAERDEYELLCPDNTRKPVDK
FKDCHLARVPSHAVVARSVNGKEDAIWNLLRQAQEKFGKDKSPKFQLFGSPSGQKDLLFKDSAIGFSRVPPRIDSGLYLG
SGYFTAIQNLRKSEEEVAARRARVVWCAVGEQELRKCNQWSGLSEGSVTCSSASTTEDCIALVLKGEADAMSLDGGYVYT
AGKCGLVPVLAENYKSQQSSDPDPNCVDRPVEGYLAVAVVRRSDTSLTWNSVKGKKSCHTAVDRTAGWNIPMGLLFNQTG
SCKFDEYFSQSCAPGSDPRSNLCALCIGDEQGENKCVPNSNERYYGYTGAFRCLAENAGDVAFVKDVTVLQNTDGNNNDA
WAKDLKLADFALLCLDGKRKPVTEARSCHLAMAPNHAVVSRMDKVERLKQVLLHQQAKFGRNGSDCPDKFCLFQSETKNL
LFNDNTECLARLHGKTTYEKYLGPQYVAGITNLKKCSTSPLLEACEFLRK
;
_entity_poly.pdbx_strand_id   A
#
loop_
_chem_comp.id
_chem_comp.type
_chem_comp.name
_chem_comp.formula
CO3 non-polymer 'CARBONATE ION' 'C O3 -2'
FE non-polymer 'FE (III) ION' 'Fe 3'
NA non-polymer 'SODIUM ION' 'Na 1'
#
# COMPACT_ATOMS: atom_id res chain seq x y z
N ARG A 1 9.09 -21.76 -22.00
CA ARG A 1 8.76 -20.98 -20.72
C ARG A 1 7.66 -21.63 -19.89
N ARG A 2 6.49 -21.88 -20.46
CA ARG A 2 5.45 -22.57 -19.70
C ARG A 2 4.76 -23.76 -20.45
N ARG A 3 4.82 -24.96 -19.86
CA ARG A 3 4.18 -26.16 -20.41
C ARG A 3 4.19 -27.24 -19.34
N SER A 4 3.67 -26.85 -18.16
CA SER A 4 3.62 -27.69 -17.00
C SER A 4 3.96 -26.84 -15.81
N VAL A 5 3.05 -26.76 -14.85
CA VAL A 5 3.32 -25.98 -13.64
C VAL A 5 3.63 -26.94 -12.52
N GLN A 6 4.66 -26.61 -11.74
CA GLN A 6 5.06 -27.45 -10.66
C GLN A 6 4.49 -26.98 -9.32
N TRP A 7 3.54 -27.77 -8.74
CA TRP A 7 2.89 -27.44 -7.44
C TRP A 7 3.39 -28.12 -6.20
N CYS A 8 4.10 -27.38 -5.37
CA CYS A 8 4.71 -27.95 -4.15
C CYS A 8 3.76 -28.40 -2.99
N THR A 9 4.04 -29.55 -2.44
CA THR A 9 3.21 -30.09 -1.42
C THR A 9 3.90 -30.19 -0.11
N VAL A 10 3.18 -30.47 0.98
CA VAL A 10 3.85 -30.56 2.28
C VAL A 10 3.49 -31.84 3.06
N SER A 11 3.01 -32.84 2.33
CA SER A 11 2.38 -33.98 2.96
C SER A 11 1.91 -35.10 1.96
N GLN A 12 1.99 -36.35 2.41
CA GLN A 12 1.62 -37.48 1.59
C GLN A 12 0.16 -37.33 1.17
N PRO A 13 -0.77 -37.15 2.10
CA PRO A 13 -2.15 -36.89 1.72
C PRO A 13 -2.22 -35.75 0.74
N GLU A 14 -1.34 -34.77 0.90
CA GLU A 14 -1.37 -33.58 0.02
C GLU A 14 -0.84 -33.88 -1.36
N ALA A 15 0.10 -34.80 -1.41
CA ALA A 15 0.64 -35.24 -2.68
C ALA A 15 -0.39 -36.10 -3.49
N THR A 16 -1.21 -36.85 -2.78
CA THR A 16 -2.15 -37.70 -3.44
C THR A 16 -3.22 -36.89 -4.19
N LYS A 17 -3.57 -35.73 -3.61
CA LYS A 17 -4.57 -34.85 -4.17
C LYS A 17 -3.99 -34.17 -5.33
N CYS A 18 -2.68 -33.91 -5.21
CA CYS A 18 -1.94 -33.25 -6.30
C CYS A 18 -1.89 -34.13 -7.52
N PHE A 19 -1.60 -35.40 -7.31
CA PHE A 19 -1.67 -36.38 -8.38
C PHE A 19 -3.11 -36.55 -8.93
N GLN A 20 -4.17 -36.43 -8.11
CA GLN A 20 -5.53 -36.56 -8.63
C GLN A 20 -5.77 -35.42 -9.61
N TRP A 21 -5.41 -34.23 -9.16
CA TRP A 21 -5.57 -33.03 -9.93
C TRP A 21 -4.77 -33.19 -11.23
N GLN A 22 -3.64 -33.87 -11.17
CA GLN A 22 -2.81 -33.99 -12.36
C GLN A 22 -3.57 -34.81 -13.39
N ARG A 23 -4.17 -35.92 -12.98
CA ARG A 23 -4.77 -36.83 -13.97
C ARG A 23 -6.20 -36.41 -14.37
N ASN A 24 -6.83 -35.53 -13.61
CA ASN A 24 -8.11 -35.01 -14.05
C ASN A 24 -7.96 -33.90 -15.07
N MET A 25 -6.83 -33.24 -15.05
CA MET A 25 -6.55 -32.19 -16.00
C MET A 25 -6.30 -32.87 -17.34
N ARG A 26 -5.53 -33.95 -17.30
CA ARG A 26 -5.27 -34.76 -18.50
C ARG A 26 -6.61 -35.34 -19.05
N ARG A 27 -7.57 -35.63 -18.15
CA ARG A 27 -8.84 -36.28 -18.51
C ARG A 27 -9.61 -35.34 -19.42
N VAL A 28 -9.37 -34.04 -19.30
CA VAL A 28 -10.18 -33.03 -19.95
C VAL A 28 -9.34 -32.20 -20.91
N ARG A 29 -8.14 -32.66 -21.20
CA ARG A 29 -7.28 -32.03 -22.23
C ARG A 29 -6.87 -30.61 -21.90
N GLY A 30 -6.85 -30.28 -20.62
CA GLY A 30 -6.58 -28.90 -20.21
C GLY A 30 -5.17 -28.76 -19.70
N PRO A 31 -4.90 -27.65 -19.04
CA PRO A 31 -3.56 -27.31 -18.53
C PRO A 31 -2.88 -28.33 -17.70
N PRO A 32 -1.66 -28.72 -18.09
CA PRO A 32 -0.90 -29.70 -17.32
C PRO A 32 -0.41 -29.12 -15.97
N VAL A 33 -0.05 -30.00 -15.02
CA VAL A 33 0.53 -29.55 -13.75
C VAL A 33 1.29 -30.67 -13.03
N SER A 34 2.63 -30.55 -12.93
CA SER A 34 3.41 -31.58 -12.18
C SER A 34 3.23 -31.41 -10.64
N CYS A 35 3.86 -32.27 -9.81
CA CYS A 35 3.74 -32.24 -8.32
C CYS A 35 5.07 -32.51 -7.64
N ILE A 36 5.38 -31.79 -6.58
CA ILE A 36 6.65 -31.97 -5.87
C ILE A 36 6.33 -32.39 -4.47
N LYS A 37 7.23 -33.06 -3.79
CA LYS A 37 6.98 -33.60 -2.49
C LYS A 37 7.99 -32.97 -1.58
N ARG A 38 7.50 -32.16 -0.67
CA ARG A 38 8.28 -31.69 0.46
C ARG A 38 7.52 -31.96 1.81
N ASP A 39 8.15 -31.61 2.93
CA ASP A 39 7.60 -31.91 4.23
C ASP A 39 7.12 -30.70 5.00
N SER A 40 7.34 -29.50 4.48
CA SER A 40 6.95 -28.28 5.22
C SER A 40 6.85 -26.99 4.36
N PRO A 41 6.09 -26.02 4.82
CA PRO A 41 5.95 -24.76 4.11
C PRO A 41 7.26 -24.10 3.75
N ILE A 42 8.19 -24.09 4.68
CA ILE A 42 9.48 -23.43 4.44
C ILE A 42 10.26 -24.15 3.35
N GLN A 43 10.10 -25.46 3.30
CA GLN A 43 10.77 -26.28 2.27
C GLN A 43 10.16 -25.99 0.88
N CYS A 44 8.87 -25.73 0.82
CA CYS A 44 8.29 -25.43 -0.45
C CYS A 44 8.69 -24.00 -0.83
N ILE A 45 8.99 -23.17 0.14
CA ILE A 45 9.31 -21.81 -0.21
C ILE A 45 10.71 -21.79 -0.78
N GLN A 46 11.49 -22.78 -0.36
CA GLN A 46 12.88 -22.81 -0.75
C GLN A 46 12.80 -23.41 -2.12
N ALA A 47 11.90 -24.33 -2.27
CA ALA A 47 11.80 -25.07 -3.51
C ALA A 47 11.54 -24.17 -4.72
N ILE A 48 10.54 -23.35 -4.56
CA ILE A 48 10.16 -22.33 -5.55
C ILE A 48 11.25 -21.26 -5.82
N ALA A 49 12.06 -21.00 -4.83
CA ALA A 49 13.05 -20.01 -4.95
C ALA A 49 14.21 -20.47 -5.83
N GLU A 50 14.42 -21.80 -5.93
CA GLU A 50 15.49 -22.38 -6.78
C GLU A 50 14.91 -23.21 -7.93
N ASN A 51 13.86 -22.67 -8.54
CA ASN A 51 13.28 -23.20 -9.74
C ASN A 51 12.99 -24.70 -9.69
N ARG A 52 12.94 -25.27 -8.51
CA ARG A 52 12.56 -26.70 -8.37
C ARG A 52 11.03 -26.92 -8.11
N ALA A 53 10.30 -25.83 -7.99
CA ALA A 53 8.84 -25.84 -7.92
C ALA A 53 8.32 -24.50 -8.39
N ASP A 54 7.00 -24.37 -8.50
CA ASP A 54 6.45 -23.13 -9.05
C ASP A 54 5.59 -22.34 -8.10
N ALA A 55 4.77 -23.05 -7.39
CA ALA A 55 3.73 -22.41 -6.62
C ALA A 55 3.21 -23.15 -5.36
N VAL A 56 2.73 -22.40 -4.35
CA VAL A 56 2.17 -23.01 -3.13
C VAL A 56 1.28 -22.07 -2.39
N THR A 57 0.15 -22.56 -1.93
CA THR A 57 -0.78 -21.76 -1.15
C THR A 57 -0.20 -21.62 0.24
N LEU A 58 -0.30 -20.45 0.82
CA LEU A 58 0.28 -20.17 2.11
C LEU A 58 -0.61 -19.22 2.88
N ASP A 59 -0.61 -19.40 4.18
CA ASP A 59 -1.29 -18.55 5.14
C ASP A 59 -0.54 -17.24 5.25
N GLY A 60 -1.30 -16.21 5.61
CA GLY A 60 -0.78 -14.85 5.76
C GLY A 60 0.58 -14.77 6.39
N GLY A 61 0.68 -15.43 7.52
CA GLY A 61 1.91 -15.43 8.28
C GLY A 61 3.05 -15.95 7.46
N PHE A 62 2.81 -17.01 6.68
CA PHE A 62 3.90 -17.59 5.90
C PHE A 62 4.02 -16.85 4.56
N ILE A 63 3.22 -15.80 4.31
CA ILE A 63 3.43 -14.99 3.10
C ILE A 63 4.55 -14.03 3.38
N TYR A 64 4.49 -13.43 4.57
CA TYR A 64 5.56 -12.59 5.09
C TYR A 64 6.91 -13.32 5.01
N GLU A 65 6.99 -14.49 5.63
CA GLU A 65 8.23 -15.22 5.70
C GLU A 65 8.70 -15.60 4.33
N ALA A 66 7.78 -15.78 3.41
CA ALA A 66 8.14 -16.24 2.07
C ALA A 66 8.62 -15.10 1.23
N GLY A 67 8.37 -13.88 1.70
CA GLY A 67 8.79 -12.71 0.94
C GLY A 67 10.10 -12.05 1.38
N LEU A 68 10.83 -12.66 2.31
CA LEU A 68 12.02 -12.04 2.83
C LEU A 68 13.34 -12.45 2.11
N ALA A 69 14.40 -11.71 2.44
CA ALA A 69 15.75 -11.72 1.83
C ALA A 69 16.17 -12.78 0.78
N PRO A 70 16.27 -14.03 1.13
CA PRO A 70 16.67 -15.04 0.16
C PRO A 70 15.63 -15.25 -0.90
N TYR A 71 14.41 -15.55 -0.51
CA TYR A 71 13.45 -15.96 -1.49
C TYR A 71 12.71 -14.86 -2.27
N LYS A 72 12.15 -13.91 -1.57
CA LYS A 72 11.43 -12.78 -2.21
C LYS A 72 10.28 -13.14 -3.12
N LEU A 73 9.45 -14.10 -2.72
CA LEU A 73 8.21 -14.46 -3.43
C LEU A 73 7.11 -13.39 -3.35
N ARG A 74 6.01 -13.59 -4.08
CA ARG A 74 4.87 -12.64 -4.05
C ARG A 74 3.61 -13.34 -4.37
N PRO A 75 2.50 -12.76 -3.95
CA PRO A 75 1.22 -13.40 -4.17
C PRO A 75 0.68 -13.14 -5.58
N VAL A 76 0.38 -14.20 -6.33
CA VAL A 76 -0.11 -14.04 -7.65
C VAL A 76 -1.57 -14.35 -7.73
N ALA A 77 -2.16 -14.93 -6.73
CA ALA A 77 -3.60 -15.24 -6.79
C ALA A 77 -4.13 -15.61 -5.42
N ALA A 78 -5.11 -14.86 -4.94
CA ALA A 78 -5.62 -15.03 -3.58
C ALA A 78 -6.89 -15.85 -3.51
N GLU A 79 -7.15 -16.50 -2.38
CA GLU A 79 -8.28 -17.42 -2.25
C GLU A 79 -9.48 -16.59 -2.00
N VAL A 80 -10.63 -17.14 -2.36
CA VAL A 80 -11.88 -16.48 -2.13
C VAL A 80 -12.79 -17.27 -1.24
N TYR A 81 -13.36 -16.58 -0.30
CA TYR A 81 -14.19 -17.20 0.72
C TYR A 81 -15.61 -16.61 0.73
N GLY A 82 -16.44 -17.11 1.65
CA GLY A 82 -17.84 -16.72 1.77
C GLY A 82 -18.76 -17.39 0.71
N THR A 83 -19.80 -16.67 0.27
CA THR A 83 -20.80 -17.16 -0.68
C THR A 83 -20.67 -16.48 -2.00
N GLU A 84 -21.33 -17.04 -3.00
CA GLU A 84 -21.19 -16.61 -4.38
C GLU A 84 -21.76 -15.24 -4.58
N ARG A 85 -22.70 -14.90 -3.69
CA ARG A 85 -23.42 -13.61 -3.62
C ARG A 85 -22.52 -12.54 -3.01
N GLN A 86 -21.76 -13.00 -2.02
CA GLN A 86 -20.83 -12.16 -1.33
C GLN A 86 -19.48 -12.83 -1.17
N PRO A 87 -18.68 -12.76 -2.20
CA PRO A 87 -17.29 -13.23 -2.16
C PRO A 87 -16.34 -12.28 -1.48
N ARG A 88 -15.41 -12.81 -0.72
CA ARG A 88 -14.48 -11.96 -0.07
C ARG A 88 -13.04 -12.47 -0.24
N THR A 89 -12.03 -11.62 -0.01
CA THR A 89 -10.67 -12.03 -0.09
C THR A 89 -10.09 -11.81 1.26
N HIS A 90 -10.88 -12.00 2.28
CA HIS A 90 -10.41 -11.83 3.64
C HIS A 90 -11.25 -12.59 4.65
N TYR A 91 -10.66 -12.98 5.78
CA TYR A 91 -11.39 -13.74 6.80
C TYR A 91 -11.13 -13.14 8.12
N TYR A 92 -11.83 -13.62 9.13
CA TYR A 92 -11.68 -13.04 10.44
C TYR A 92 -10.98 -13.95 11.38
N ALA A 93 -10.09 -13.43 12.20
CA ALA A 93 -9.50 -14.23 13.23
C ALA A 93 -10.32 -14.10 14.48
N VAL A 94 -10.80 -15.21 15.03
CA VAL A 94 -11.52 -15.16 16.30
C VAL A 94 -10.94 -16.06 17.41
N ALA A 95 -11.68 -16.15 18.52
CA ALA A 95 -11.31 -16.99 19.64
C ALA A 95 -12.56 -17.72 20.14
N VAL A 96 -12.74 -18.99 19.80
CA VAL A 96 -13.98 -19.64 20.14
C VAL A 96 -13.87 -20.37 21.46
N VAL A 97 -14.78 -20.11 22.39
CA VAL A 97 -14.78 -20.86 23.63
C VAL A 97 -16.06 -21.69 23.82
N LYS A 98 -16.14 -22.50 24.88
CA LYS A 98 -17.34 -23.29 25.19
C LYS A 98 -18.32 -22.49 26.05
N LYS A 99 -19.56 -22.94 26.14
CA LYS A 99 -20.58 -22.22 26.93
C LYS A 99 -20.64 -22.67 28.36
N GLY A 100 -20.29 -21.77 29.25
CA GLY A 100 -20.30 -22.15 30.66
C GLY A 100 -19.51 -21.22 31.58
N GLY A 101 -18.20 -21.27 31.43
CA GLY A 101 -17.34 -20.42 32.21
C GLY A 101 -17.78 -18.99 31.98
N SER A 102 -17.32 -18.11 32.85
CA SER A 102 -17.67 -16.72 32.66
C SER A 102 -16.39 -15.90 32.67
N PHE A 103 -15.45 -16.23 31.79
CA PHE A 103 -14.21 -15.45 31.68
C PHE A 103 -14.29 -14.67 30.38
N GLN A 104 -13.37 -13.73 30.21
CA GLN A 104 -13.30 -12.87 29.02
C GLN A 104 -11.92 -12.81 28.35
N LEU A 105 -11.69 -11.90 27.40
CA LEU A 105 -10.42 -11.97 26.68
C LEU A 105 -9.28 -11.60 27.53
N ASN A 106 -9.56 -10.76 28.51
CA ASN A 106 -8.51 -10.30 29.44
C ASN A 106 -8.23 -11.27 30.62
N GLU A 107 -9.11 -12.27 30.82
CA GLU A 107 -8.95 -13.30 31.86
C GLU A 107 -8.46 -14.66 31.31
N LEU A 108 -7.51 -14.66 30.39
CA LEU A 108 -6.93 -15.89 29.88
C LEU A 108 -5.68 -16.44 30.56
N GLN A 109 -5.08 -15.75 31.53
CA GLN A 109 -3.81 -16.19 32.11
C GLN A 109 -4.10 -17.33 32.97
N GLY A 110 -3.30 -18.36 32.95
CA GLY A 110 -3.62 -19.53 33.78
C GLY A 110 -4.60 -20.56 33.14
N LEU A 111 -5.03 -20.27 31.94
CA LEU A 111 -5.98 -21.10 31.31
C LEU A 111 -5.27 -21.85 30.21
N LYS A 112 -5.95 -22.76 29.56
CA LYS A 112 -5.33 -23.60 28.55
C LYS A 112 -5.85 -23.21 27.18
N SER A 113 -4.97 -23.09 26.18
CA SER A 113 -5.32 -22.53 24.85
C SER A 113 -5.09 -23.49 23.73
N CYS A 114 -5.77 -23.26 22.59
CA CYS A 114 -5.73 -24.17 21.45
C CYS A 114 -5.46 -23.40 20.18
N HIS A 115 -4.21 -23.33 19.76
CA HIS A 115 -3.79 -22.65 18.55
C HIS A 115 -3.62 -23.54 17.34
N THR A 116 -3.60 -22.92 16.16
CA THR A 116 -3.51 -23.59 14.90
C THR A 116 -2.12 -23.98 14.56
N GLY A 117 -1.19 -23.10 14.85
CA GLY A 117 0.18 -23.33 14.48
C GLY A 117 1.04 -22.16 14.78
N LEU A 118 2.33 -22.33 14.62
CA LEU A 118 3.27 -21.26 14.97
C LEU A 118 3.40 -20.35 13.76
N ARG A 119 3.55 -19.07 13.99
CA ARG A 119 3.62 -18.14 12.89
C ARG A 119 2.44 -18.14 11.90
N ARG A 120 1.32 -18.80 12.24
CA ARG A 120 0.05 -18.70 11.49
C ARG A 120 -0.69 -17.40 11.80
N THR A 121 -1.77 -17.11 11.10
CA THR A 121 -2.40 -15.78 11.20
C THR A 121 -3.33 -15.68 12.36
N ALA A 122 -4.40 -16.46 12.30
CA ALA A 122 -5.39 -16.53 13.36
C ALA A 122 -4.90 -17.30 14.57
N GLY A 123 -3.94 -18.19 14.35
CA GLY A 123 -3.49 -19.12 15.35
C GLY A 123 -2.41 -18.55 16.21
N TRP A 124 -1.49 -17.76 15.66
CA TRP A 124 -0.44 -17.15 16.48
C TRP A 124 -0.35 -15.61 16.33
N ASN A 125 -0.18 -15.11 15.12
CA ASN A 125 0.13 -13.70 14.94
C ASN A 125 -0.88 -12.75 15.54
N VAL A 126 -2.13 -13.10 15.52
CA VAL A 126 -3.14 -12.21 16.05
C VAL A 126 -3.33 -12.40 17.58
N PRO A 127 -3.51 -13.61 18.07
CA PRO A 127 -3.71 -13.84 19.48
C PRO A 127 -2.56 -13.35 20.32
N ILE A 128 -1.37 -13.55 19.84
CA ILE A 128 -0.26 -13.14 20.64
C ILE A 128 -0.19 -11.62 20.64
N GLY A 129 -0.64 -11.00 19.56
CA GLY A 129 -0.60 -9.55 19.47
C GLY A 129 -1.63 -8.86 20.36
N THR A 130 -2.77 -9.44 20.48
CA THR A 130 -3.84 -8.87 21.20
C THR A 130 -3.58 -9.05 22.65
N LEU A 131 -2.84 -10.07 22.98
CA LEU A 131 -2.58 -10.37 24.37
C LEU A 131 -1.18 -9.88 24.86
N ARG A 132 -0.50 -9.07 24.09
CA ARG A 132 0.86 -8.70 24.43
C ARG A 132 0.98 -7.95 25.75
N PRO A 133 0.05 -7.06 26.07
CA PRO A 133 0.13 -6.31 27.32
C PRO A 133 0.08 -7.28 28.47
N PHE A 134 -0.72 -8.31 28.34
CA PHE A 134 -0.80 -9.25 29.43
C PHE A 134 0.45 -10.16 29.63
N LEU A 135 1.27 -10.34 28.61
CA LEU A 135 2.38 -11.26 28.69
C LEU A 135 3.55 -10.85 29.57
N ASN A 136 3.67 -9.57 29.88
CA ASN A 136 4.85 -9.06 30.61
C ASN A 136 6.14 -9.57 29.95
N TRP A 137 6.25 -9.46 28.65
CA TRP A 137 7.46 -9.85 27.97
C TRP A 137 8.43 -8.67 28.01
N THR A 138 9.70 -8.94 28.28
CA THR A 138 10.75 -7.92 28.35
C THR A 138 11.34 -7.56 26.99
N GLY A 139 11.15 -8.37 25.96
CA GLY A 139 11.71 -8.00 24.67
C GLY A 139 12.80 -8.98 24.28
N PRO A 140 13.41 -8.82 23.10
CA PRO A 140 14.43 -9.70 22.54
C PRO A 140 15.22 -10.74 23.31
N PRO A 141 16.48 -10.94 23.01
CA PRO A 141 17.03 -12.30 22.93
C PRO A 141 16.03 -13.42 23.36
N GLU A 142 15.46 -13.32 24.58
CA GLU A 142 14.28 -14.12 25.02
C GLU A 142 13.21 -14.12 23.97
N PRO A 143 12.94 -15.27 23.41
CA PRO A 143 11.88 -15.38 22.44
C PRO A 143 10.55 -15.05 23.05
N ILE A 144 9.65 -14.49 22.25
CA ILE A 144 8.27 -14.20 22.66
C ILE A 144 7.54 -15.49 23.10
N GLU A 145 7.88 -16.63 22.47
CA GLU A 145 7.28 -17.92 22.78
C GLU A 145 7.39 -18.27 24.29
N ALA A 146 8.47 -17.77 24.88
CA ALA A 146 8.80 -18.12 26.22
C ALA A 146 7.83 -17.45 27.11
N ALA A 147 7.40 -16.28 26.71
CA ALA A 147 6.53 -15.50 27.55
C ALA A 147 5.15 -16.10 27.46
N VAL A 148 4.89 -16.77 26.35
CA VAL A 148 3.55 -17.31 26.15
C VAL A 148 3.36 -18.54 26.98
N ALA A 149 4.44 -19.28 27.07
CA ALA A 149 4.47 -20.47 27.89
C ALA A 149 4.17 -20.15 29.40
N ARG A 150 4.54 -18.97 29.88
CA ARG A 150 4.32 -18.66 31.28
C ARG A 150 2.90 -18.23 31.42
N PHE A 151 2.37 -17.69 30.34
CA PHE A 151 1.01 -17.13 30.39
C PHE A 151 -0.05 -18.27 30.49
N PHE A 152 -0.13 -19.08 29.43
CA PHE A 152 -1.04 -20.22 29.43
C PHE A 152 -0.45 -21.36 30.22
N SER A 153 -1.21 -21.97 31.13
CA SER A 153 -0.74 -23.11 31.87
C SER A 153 -0.28 -24.29 31.00
N ALA A 154 -1.03 -24.54 29.93
CA ALA A 154 -0.63 -25.54 28.93
C ALA A 154 -1.43 -25.23 27.69
N SER A 155 -0.99 -25.73 26.53
CA SER A 155 -1.63 -25.43 25.23
C SER A 155 -0.99 -26.27 24.16
N CYS A 156 -1.58 -26.36 22.98
CA CYS A 156 -0.96 -27.06 21.83
C CYS A 156 -0.70 -26.07 20.73
N VAL A 157 0.56 -25.84 20.43
CA VAL A 157 0.93 -24.94 19.34
C VAL A 157 1.88 -25.62 18.36
N PRO A 158 1.28 -26.26 17.38
CA PRO A 158 2.07 -27.05 16.44
C PRO A 158 3.22 -26.25 15.88
N GLY A 159 4.35 -26.91 15.60
CA GLY A 159 5.53 -26.25 15.08
C GLY A 159 6.48 -25.75 16.16
N ALA A 160 5.98 -25.55 17.38
CA ALA A 160 6.83 -25.07 18.45
C ALA A 160 7.90 -26.10 18.77
N ASP A 161 9.02 -25.66 19.33
CA ASP A 161 10.08 -26.60 19.70
C ASP A 161 9.68 -27.27 21.02
N LYS A 162 9.52 -28.60 21.02
CA LYS A 162 9.04 -29.30 22.19
C LYS A 162 10.05 -29.21 23.32
N GLY A 163 11.33 -29.20 22.95
CA GLY A 163 12.42 -29.25 23.93
C GLY A 163 12.71 -27.98 24.72
N GLN A 164 12.74 -26.85 24.02
CA GLN A 164 12.95 -25.55 24.65
C GLN A 164 11.63 -24.99 25.34
N PHE A 165 10.50 -25.28 24.70
CA PHE A 165 9.21 -24.85 25.23
C PHE A 165 8.21 -26.01 25.36
N PRO A 166 8.39 -26.85 26.37
CA PRO A 166 7.55 -28.02 26.52
C PRO A 166 6.11 -27.67 26.93
N ASN A 167 5.95 -26.51 27.53
CA ASN A 167 4.64 -26.08 27.94
C ASN A 167 3.76 -25.83 26.71
N LEU A 168 4.35 -25.47 25.57
CA LEU A 168 3.52 -25.14 24.41
C LEU A 168 3.06 -26.34 23.63
N CYS A 169 3.45 -27.55 24.06
CA CYS A 169 3.09 -28.80 23.32
C CYS A 169 2.43 -29.81 24.29
N ARG A 170 2.01 -29.36 25.48
CA ARG A 170 1.47 -30.25 26.43
C ARG A 170 0.17 -30.81 25.89
N LEU A 171 -0.69 -30.04 25.31
CA LEU A 171 -2.01 -30.61 24.99
C LEU A 171 -2.16 -31.17 23.59
N CYS A 172 -1.13 -31.06 22.80
CA CYS A 172 -1.17 -31.71 21.52
C CYS A 172 -1.33 -33.22 21.64
N ALA A 173 -2.04 -33.89 20.73
CA ALA A 173 -2.34 -35.33 20.85
C ALA A 173 -1.62 -36.25 19.84
N GLY A 174 -0.43 -35.89 19.46
CA GLY A 174 0.28 -36.71 18.51
C GLY A 174 0.97 -37.80 19.27
N THR A 175 1.45 -38.78 18.51
CA THR A 175 2.08 -39.98 19.09
C THR A 175 3.59 -39.99 18.78
N GLY A 176 4.40 -39.91 19.82
CA GLY A 176 5.84 -40.05 19.67
C GLY A 176 6.54 -38.86 19.07
N GLU A 177 7.10 -39.05 17.90
CA GLU A 177 7.78 -37.96 17.20
C GLU A 177 6.80 -37.09 16.39
N ASN A 178 5.50 -37.40 16.43
CA ASN A 178 4.46 -36.59 15.72
C ASN A 178 3.70 -35.56 16.60
N LYS A 179 3.96 -35.59 17.89
CA LYS A 179 3.36 -34.69 18.86
C LYS A 179 3.96 -33.30 18.66
N CYS A 180 3.08 -32.33 18.45
CA CYS A 180 3.48 -30.92 18.30
C CYS A 180 4.13 -30.70 16.97
N ALA A 181 3.61 -31.39 15.95
CA ALA A 181 4.23 -31.35 14.63
C ALA A 181 3.39 -30.48 13.71
N PHE A 182 4.05 -29.89 12.70
CA PHE A 182 3.38 -28.98 11.79
C PHE A 182 2.90 -29.81 10.61
N SER A 183 1.96 -30.73 10.87
CA SER A 183 1.39 -31.55 9.81
C SER A 183 0.12 -32.21 10.25
N SER A 184 -0.55 -32.90 9.32
CA SER A 184 -1.84 -33.52 9.58
C SER A 184 -1.64 -34.65 10.59
N GLN A 185 -0.38 -35.05 10.79
CA GLN A 185 -0.09 -36.19 11.63
C GLN A 185 -0.52 -35.77 13.00
N GLU A 186 -0.27 -34.55 13.35
CA GLU A 186 -0.64 -34.08 14.67
C GLU A 186 -2.10 -33.70 14.68
N PRO A 187 -2.92 -34.45 15.41
CA PRO A 187 -4.39 -34.30 15.31
C PRO A 187 -4.93 -32.89 15.51
N TYR A 188 -4.33 -32.11 16.41
CA TYR A 188 -4.84 -30.76 16.67
C TYR A 188 -3.99 -29.72 15.91
N PHE A 189 -4.00 -29.81 14.58
CA PHE A 189 -3.20 -28.92 13.67
C PHE A 189 -4.11 -28.29 12.63
N SER A 190 -3.91 -27.02 12.39
CA SER A 190 -4.79 -26.20 11.52
C SER A 190 -6.15 -25.93 12.17
N TYR A 191 -6.92 -25.14 11.49
CA TYR A 191 -8.21 -24.70 11.95
C TYR A 191 -9.12 -25.77 12.55
N SER A 192 -9.34 -26.87 11.84
CA SER A 192 -10.22 -27.93 12.26
C SER A 192 -9.62 -28.73 13.40
N GLY A 193 -8.29 -28.82 13.40
CA GLY A 193 -7.55 -29.54 14.43
C GLY A 193 -7.58 -28.83 15.77
N ALA A 194 -7.44 -27.51 15.73
CA ALA A 194 -7.56 -26.65 16.94
C ALA A 194 -8.97 -26.49 17.52
N PHE A 195 -9.99 -26.73 16.74
CA PHE A 195 -11.35 -26.68 17.23
C PHE A 195 -11.69 -28.03 17.87
N LYS A 196 -10.99 -29.07 17.41
CA LYS A 196 -11.09 -30.43 17.94
C LYS A 196 -10.42 -30.45 19.30
N CYS A 197 -9.45 -29.55 19.49
CA CYS A 197 -8.71 -29.41 20.73
C CYS A 197 -9.67 -28.82 21.77
N LEU A 198 -10.54 -27.94 21.30
CA LEU A 198 -11.53 -27.32 22.14
C LEU A 198 -12.55 -28.38 22.40
N ARG A 199 -12.81 -29.15 21.35
CA ARG A 199 -13.93 -30.05 21.41
C ARG A 199 -13.74 -31.06 22.55
N ASP A 200 -12.57 -31.70 22.54
CA ASP A 200 -12.24 -32.76 23.43
C ASP A 200 -12.16 -32.23 24.83
N GLY A 201 -12.05 -30.92 24.96
CA GLY A 201 -11.94 -30.26 26.23
C GLY A 201 -10.51 -30.26 26.78
N ALA A 202 -9.55 -30.40 25.89
CA ALA A 202 -8.18 -30.28 26.31
C ALA A 202 -7.85 -28.84 26.64
N GLY A 203 -8.16 -27.93 25.72
CA GLY A 203 -8.00 -26.49 25.93
C GLY A 203 -9.29 -25.80 26.38
N ASP A 204 -9.21 -24.51 26.73
CA ASP A 204 -10.38 -23.76 27.18
C ASP A 204 -10.76 -22.74 26.14
N VAL A 205 -9.76 -22.33 25.40
CA VAL A 205 -9.95 -21.41 24.29
C VAL A 205 -9.26 -21.93 23.02
N ALA A 206 -9.84 -21.62 21.87
CA ALA A 206 -9.30 -22.02 20.60
C ALA A 206 -9.25 -20.87 19.62
N PHE A 207 -8.06 -20.37 19.32
CA PHE A 207 -7.85 -19.32 18.33
C PHE A 207 -7.90 -19.85 16.85
N ILE A 208 -9.04 -19.66 16.17
CA ILE A 208 -9.29 -20.09 14.81
C ILE A 208 -9.99 -19.03 13.97
N ARG A 209 -10.36 -19.36 12.74
CA ARG A 209 -11.10 -18.48 11.85
C ARG A 209 -12.54 -18.64 12.17
N GLU A 210 -13.38 -17.76 11.64
CA GLU A 210 -14.81 -17.71 11.98
C GLU A 210 -15.69 -18.84 11.46
N SER A 211 -15.40 -19.28 10.22
CA SER A 211 -16.14 -20.32 9.56
C SER A 211 -15.84 -21.76 10.02
N THR A 212 -14.90 -21.94 10.93
CA THR A 212 -14.51 -23.28 11.34
C THR A 212 -15.61 -24.00 12.15
N VAL A 213 -16.40 -23.29 12.94
CA VAL A 213 -17.42 -23.95 13.74
C VAL A 213 -18.55 -24.34 12.85
N PHE A 214 -18.68 -23.69 11.70
CA PHE A 214 -19.78 -23.97 10.79
C PHE A 214 -19.43 -25.13 9.86
N GLU A 215 -18.16 -25.32 9.62
CA GLU A 215 -17.72 -26.34 8.75
C GLU A 215 -17.74 -27.70 9.40
N ASP A 216 -17.49 -27.75 10.70
CA ASP A 216 -17.36 -29.03 11.43
C ASP A 216 -18.64 -29.52 12.16
N LEU A 217 -19.49 -28.60 12.57
CA LEU A 217 -20.77 -28.98 13.17
C LEU A 217 -21.93 -28.90 12.17
N SER A 218 -22.65 -30.02 12.07
CA SER A 218 -23.80 -30.11 11.16
C SER A 218 -25.03 -29.37 11.68
N ASP A 219 -25.62 -29.83 12.78
CA ASP A 219 -26.87 -29.22 13.22
C ASP A 219 -26.57 -27.96 13.97
N GLU A 220 -27.51 -27.01 13.87
CA GLU A 220 -27.41 -25.66 14.50
C GLU A 220 -27.52 -25.71 16.02
N ALA A 221 -27.87 -26.88 16.53
CA ALA A 221 -27.98 -27.13 17.95
C ALA A 221 -26.59 -27.31 18.57
N GLU A 222 -25.68 -27.99 17.85
CA GLU A 222 -24.33 -28.20 18.37
C GLU A 222 -23.53 -26.86 18.39
N ARG A 223 -23.80 -26.00 17.44
CA ARG A 223 -23.18 -24.69 17.43
C ARG A 223 -23.59 -23.79 18.60
N ASP A 224 -24.79 -23.96 19.17
CA ASP A 224 -25.21 -23.09 20.28
C ASP A 224 -24.52 -23.47 21.59
N GLU A 225 -23.49 -24.32 21.52
CA GLU A 225 -22.68 -24.62 22.70
C GLU A 225 -21.33 -23.84 22.67
N TYR A 226 -21.26 -22.83 21.82
CA TYR A 226 -20.04 -22.03 21.65
C TYR A 226 -20.30 -20.49 21.46
N GLU A 227 -19.42 -19.64 21.99
CA GLU A 227 -19.55 -18.20 21.87
C GLU A 227 -18.18 -17.73 21.48
N LEU A 228 -18.02 -16.42 21.33
CA LEU A 228 -16.74 -15.84 20.90
C LEU A 228 -16.22 -14.81 21.89
N LEU A 229 -14.96 -14.92 22.28
CA LEU A 229 -14.37 -13.85 23.08
C LEU A 229 -14.22 -12.57 22.21
N CYS A 230 -14.64 -11.43 22.75
CA CYS A 230 -14.58 -10.13 22.06
C CYS A 230 -13.49 -9.15 22.55
N PRO A 231 -12.96 -8.27 21.69
CA PRO A 231 -11.93 -7.32 22.16
C PRO A 231 -12.48 -6.45 23.31
N ASP A 232 -13.79 -6.32 23.41
CA ASP A 232 -14.37 -5.45 24.43
C ASP A 232 -14.86 -6.23 25.63
N ASN A 233 -14.21 -7.32 25.93
CA ASN A 233 -14.48 -8.13 27.11
C ASN A 233 -15.93 -8.51 27.22
N THR A 234 -16.39 -9.05 26.10
CA THR A 234 -17.73 -9.54 25.95
C THR A 234 -17.85 -10.88 25.19
N ARG A 235 -18.92 -11.64 25.51
CA ARG A 235 -19.20 -12.93 24.83
C ARG A 235 -20.43 -12.73 23.95
N LYS A 236 -20.39 -13.32 22.75
CA LYS A 236 -21.50 -13.30 21.83
C LYS A 236 -21.49 -14.53 20.96
N PRO A 237 -22.64 -14.85 20.41
CA PRO A 237 -22.82 -16.02 19.54
C PRO A 237 -21.83 -16.15 18.37
N VAL A 238 -21.73 -17.34 17.79
CA VAL A 238 -20.76 -17.57 16.74
C VAL A 238 -21.17 -17.01 15.38
N ASP A 239 -22.36 -16.45 15.28
CA ASP A 239 -22.73 -15.86 14.01
C ASP A 239 -22.59 -14.32 14.07
N LYS A 240 -22.20 -13.77 15.22
CA LYS A 240 -21.96 -12.32 15.32
C LYS A 240 -20.45 -12.04 15.30
N PHE A 241 -19.77 -12.73 14.40
CA PHE A 241 -18.33 -12.56 14.24
C PHE A 241 -17.97 -11.24 13.58
N LYS A 242 -18.88 -10.74 12.76
CA LYS A 242 -18.69 -9.44 12.14
C LYS A 242 -18.52 -8.41 13.20
N ASP A 243 -19.28 -8.51 14.30
CA ASP A 243 -19.22 -7.50 15.35
C ASP A 243 -18.37 -7.95 16.50
N CYS A 244 -17.65 -9.05 16.32
CA CYS A 244 -16.82 -9.59 17.41
C CYS A 244 -15.68 -10.44 16.85
N HIS A 245 -14.53 -9.81 16.64
CA HIS A 245 -13.35 -10.48 16.16
C HIS A 245 -12.04 -9.83 16.65
N LEU A 246 -10.99 -10.63 16.79
CA LEU A 246 -9.69 -10.11 17.18
C LEU A 246 -9.09 -9.26 16.07
N ALA A 247 -9.37 -9.59 14.83
CA ALA A 247 -8.74 -8.88 13.70
C ALA A 247 -9.40 -9.16 12.37
N ARG A 248 -9.04 -8.38 11.35
CA ARG A 248 -9.54 -8.66 9.98
C ARG A 248 -8.35 -8.85 9.09
N VAL A 249 -8.26 -10.01 8.48
CA VAL A 249 -7.02 -10.34 7.79
C VAL A 249 -7.11 -10.89 6.37
N PRO A 250 -6.05 -10.75 5.57
CA PRO A 250 -6.03 -11.22 4.19
C PRO A 250 -6.21 -12.68 4.08
N SER A 251 -6.65 -13.18 2.94
CA SER A 251 -6.81 -14.61 2.74
C SER A 251 -5.50 -15.25 2.27
N HIS A 252 -5.47 -16.57 2.30
CA HIS A 252 -4.28 -17.33 1.93
C HIS A 252 -4.06 -17.15 0.47
N ALA A 253 -2.86 -17.17 -0.01
CA ALA A 253 -2.66 -16.98 -1.43
C ALA A 253 -1.53 -17.77 -2.07
N VAL A 254 -1.81 -18.18 -3.31
CA VAL A 254 -0.87 -18.87 -4.10
C VAL A 254 0.26 -17.91 -4.40
N VAL A 255 1.47 -18.27 -3.96
CA VAL A 255 2.66 -17.47 -4.17
C VAL A 255 3.49 -17.99 -5.28
N ALA A 256 4.44 -17.18 -5.72
CA ALA A 256 5.42 -17.60 -6.77
C ALA A 256 6.60 -16.64 -6.89
N ARG A 257 7.54 -16.95 -7.78
CA ARG A 257 8.73 -16.12 -7.93
C ARG A 257 8.35 -14.70 -8.41
N SER A 258 9.22 -13.75 -8.14
CA SER A 258 8.99 -12.42 -8.58
C SER A 258 9.58 -12.26 -9.96
N VAL A 259 10.80 -12.76 -10.18
CA VAL A 259 11.43 -12.58 -11.47
C VAL A 259 10.91 -13.48 -12.58
N ASN A 260 11.22 -14.76 -12.60
CA ASN A 260 10.68 -15.57 -13.68
C ASN A 260 9.59 -16.49 -13.11
N GLY A 261 8.50 -15.92 -12.69
CA GLY A 261 7.56 -16.69 -11.88
C GLY A 261 6.51 -17.44 -12.62
N LYS A 262 6.53 -17.40 -13.93
CA LYS A 262 5.43 -18.00 -14.64
C LYS A 262 4.09 -17.64 -13.97
N GLU A 263 3.86 -16.36 -13.81
CA GLU A 263 2.59 -15.87 -13.36
C GLU A 263 1.44 -16.32 -14.34
N ASP A 264 1.70 -16.20 -15.65
CA ASP A 264 0.70 -16.47 -16.68
C ASP A 264 0.17 -17.90 -16.60
N ALA A 265 1.09 -18.81 -16.42
CA ALA A 265 0.77 -20.20 -16.40
C ALA A 265 0.08 -20.59 -15.08
N ILE A 266 0.35 -19.85 -14.03
CA ILE A 266 -0.23 -20.19 -12.78
C ILE A 266 -1.68 -19.81 -12.85
N TRP A 267 -1.96 -18.64 -13.41
CA TRP A 267 -3.31 -18.16 -13.45
C TRP A 267 -4.13 -18.95 -14.42
N ASN A 268 -3.48 -19.41 -15.47
CA ASN A 268 -4.20 -20.16 -16.50
C ASN A 268 -4.64 -21.49 -15.97
N LEU A 269 -3.78 -22.12 -15.19
CA LEU A 269 -4.14 -23.40 -14.63
C LEU A 269 -5.18 -23.22 -13.55
N LEU A 270 -5.13 -22.11 -12.83
CA LEU A 270 -6.02 -21.94 -11.66
C LEU A 270 -7.39 -21.63 -12.08
N ARG A 271 -7.51 -20.94 -13.19
CA ARG A 271 -8.84 -20.51 -13.64
C ARG A 271 -9.58 -21.70 -14.29
N GLN A 272 -8.79 -22.53 -14.98
CA GLN A 272 -9.30 -23.69 -15.69
C GLN A 272 -9.79 -24.71 -14.64
N ALA A 273 -8.98 -24.89 -13.63
CA ALA A 273 -9.33 -25.81 -12.58
C ALA A 273 -10.43 -25.25 -11.72
N GLN A 274 -10.61 -23.95 -11.79
CA GLN A 274 -11.65 -23.30 -11.05
C GLN A 274 -12.93 -23.54 -11.78
N GLU A 275 -12.85 -23.68 -13.10
CA GLU A 275 -14.05 -23.80 -13.94
C GLU A 275 -14.50 -25.26 -14.10
N LYS A 276 -13.57 -26.21 -14.10
CA LYS A 276 -13.92 -27.62 -14.35
C LYS A 276 -14.02 -28.45 -13.09
N PHE A 277 -13.41 -27.96 -12.00
CA PHE A 277 -13.42 -28.65 -10.70
C PHE A 277 -13.63 -27.72 -9.50
N GLY A 278 -14.36 -26.63 -9.70
CA GLY A 278 -14.66 -25.72 -8.63
C GLY A 278 -15.79 -26.22 -7.77
N LYS A 279 -16.54 -25.28 -7.23
CA LYS A 279 -17.67 -25.51 -6.36
C LYS A 279 -18.74 -26.41 -7.02
N ASP A 280 -18.71 -27.72 -6.81
CA ASP A 280 -19.67 -28.62 -7.45
C ASP A 280 -19.70 -28.52 -9.02
N LYS A 281 -18.52 -28.71 -9.62
CA LYS A 281 -18.33 -28.74 -11.08
C LYS A 281 -18.25 -30.17 -11.65
N SER A 282 -17.65 -31.11 -10.93
CA SER A 282 -17.58 -32.52 -11.35
C SER A 282 -17.39 -33.49 -10.16
N PRO A 283 -18.25 -34.48 -10.00
CA PRO A 283 -18.15 -35.38 -8.85
C PRO A 283 -16.90 -36.22 -8.82
N LYS A 284 -16.30 -36.44 -10.00
CA LYS A 284 -15.07 -37.26 -10.12
C LYS A 284 -13.77 -36.60 -9.57
N PHE A 285 -13.83 -35.30 -9.25
CA PHE A 285 -12.74 -34.58 -8.54
C PHE A 285 -13.13 -33.22 -7.98
N GLN A 286 -12.60 -32.90 -6.81
CA GLN A 286 -12.96 -31.63 -6.13
C GLN A 286 -11.70 -30.84 -5.79
N LEU A 287 -11.54 -29.64 -6.36
CA LEU A 287 -10.34 -28.85 -6.11
C LEU A 287 -10.36 -28.40 -4.68
N PHE A 288 -11.51 -27.90 -4.22
CA PHE A 288 -11.64 -27.37 -2.87
C PHE A 288 -12.30 -28.34 -1.91
N GLY A 289 -11.89 -29.62 -2.01
CA GLY A 289 -12.47 -30.68 -1.21
C GLY A 289 -11.46 -31.77 -0.93
N SER A 290 -11.52 -32.30 0.27
CA SER A 290 -10.62 -33.35 0.68
C SER A 290 -11.40 -34.54 1.26
N PRO A 291 -10.74 -35.70 1.23
CA PRO A 291 -11.19 -36.89 1.92
C PRO A 291 -11.56 -36.63 3.44
N SER A 292 -12.31 -37.59 4.04
CA SER A 292 -12.84 -37.51 5.43
C SER A 292 -11.84 -37.06 6.52
N GLY A 293 -10.86 -37.91 6.80
CA GLY A 293 -9.93 -37.67 7.89
C GLY A 293 -9.00 -36.48 7.66
N GLN A 294 -8.82 -36.08 6.40
CA GLN A 294 -7.93 -34.95 6.07
C GLN A 294 -8.72 -33.62 5.99
N LYS A 295 -7.99 -32.51 5.93
CA LYS A 295 -8.61 -31.18 5.85
C LYS A 295 -7.70 -30.15 5.19
N ASP A 296 -8.29 -29.22 4.46
CA ASP A 296 -7.59 -28.13 3.77
C ASP A 296 -6.36 -28.67 3.13
N LEU A 297 -6.51 -29.55 2.15
CA LEU A 297 -5.33 -30.19 1.55
C LEU A 297 -4.42 -29.25 0.72
N LEU A 298 -4.83 -28.93 -0.49
CA LEU A 298 -3.97 -28.10 -1.27
C LEU A 298 -4.40 -26.64 -1.21
N PHE A 299 -5.68 -26.46 -0.99
CA PHE A 299 -6.31 -25.12 -0.84
C PHE A 299 -7.32 -25.21 0.33
N LYS A 300 -7.98 -24.12 0.69
CA LYS A 300 -8.89 -24.18 1.82
C LYS A 300 -10.15 -24.85 1.42
N ASP A 301 -10.68 -25.77 2.24
CA ASP A 301 -11.95 -26.42 1.93
C ASP A 301 -13.09 -25.42 1.90
N SER A 302 -14.09 -25.72 1.13
CA SER A 302 -15.27 -24.89 1.08
C SER A 302 -14.91 -23.48 0.58
N ALA A 303 -13.84 -23.35 -0.22
CA ALA A 303 -13.49 -22.09 -0.95
C ALA A 303 -14.29 -21.94 -2.24
N ILE A 304 -14.45 -20.73 -2.79
CA ILE A 304 -15.31 -20.61 -3.98
C ILE A 304 -14.60 -20.23 -5.22
N GLY A 305 -13.30 -20.02 -5.07
CA GLY A 305 -12.46 -19.73 -6.23
C GLY A 305 -11.21 -18.91 -5.92
N PHE A 306 -10.54 -18.46 -7.00
CA PHE A 306 -9.36 -17.58 -6.93
C PHE A 306 -9.67 -16.17 -7.50
N SER A 307 -8.76 -15.25 -7.31
CA SER A 307 -8.92 -13.89 -7.74
C SER A 307 -7.56 -13.28 -7.89
N ARG A 308 -7.21 -13.03 -9.14
CA ARG A 308 -5.87 -12.61 -9.49
C ARG A 308 -5.42 -11.35 -8.72
N VAL A 309 -4.20 -11.43 -8.20
CA VAL A 309 -3.58 -10.35 -7.47
C VAL A 309 -2.71 -9.51 -8.41
N PRO A 310 -3.05 -8.23 -8.53
CA PRO A 310 -2.36 -7.27 -9.42
C PRO A 310 -0.88 -7.10 -9.25
N PRO A 311 -0.20 -6.96 -10.37
CA PRO A 311 1.25 -6.95 -10.47
C PRO A 311 2.02 -6.09 -9.56
N ARG A 312 1.50 -4.95 -9.24
CA ARG A 312 2.29 -4.07 -8.39
C ARG A 312 2.43 -4.54 -6.94
N ILE A 313 1.39 -5.19 -6.41
CA ILE A 313 1.36 -5.71 -5.04
C ILE A 313 2.38 -6.74 -4.69
N ASP A 314 3.09 -6.53 -3.56
CA ASP A 314 4.14 -7.42 -3.07
C ASP A 314 3.72 -8.05 -1.75
N SER A 315 4.64 -8.72 -1.06
CA SER A 315 4.28 -9.43 0.17
C SER A 315 3.71 -8.46 1.13
N GLY A 316 4.38 -7.38 1.28
CA GLY A 316 3.93 -6.45 2.27
C GLY A 316 2.63 -5.79 1.90
N LEU A 317 2.52 -5.16 0.72
CA LEU A 317 1.30 -4.38 0.44
C LEU A 317 0.09 -5.28 0.56
N TYR A 318 0.30 -6.58 0.32
CA TYR A 318 -0.78 -7.57 0.35
C TYR A 318 -1.33 -7.68 1.77
N LEU A 319 -0.40 -7.73 2.70
CA LEU A 319 -0.75 -7.98 4.06
C LEU A 319 -1.35 -6.78 4.71
N GLY A 320 -1.02 -5.64 4.16
CA GLY A 320 -1.61 -4.41 4.64
C GLY A 320 -0.86 -3.90 5.81
N SER A 321 -0.98 -2.60 6.04
CA SER A 321 -0.19 -1.88 7.06
C SER A 321 -0.46 -2.39 8.47
N GLY A 322 -1.70 -2.70 8.74
CA GLY A 322 -2.05 -3.15 10.06
C GLY A 322 -1.39 -4.46 10.45
N TYR A 323 -1.45 -5.43 9.55
CA TYR A 323 -1.04 -6.77 9.88
C TYR A 323 0.41 -6.96 9.58
N PHE A 324 0.93 -6.16 8.66
CA PHE A 324 2.29 -6.36 8.20
C PHE A 324 3.27 -5.93 9.23
N THR A 325 3.02 -4.81 9.85
CA THR A 325 3.95 -4.34 10.83
C THR A 325 3.63 -4.99 12.15
N ALA A 326 2.54 -5.68 12.29
CA ALA A 326 2.28 -6.33 13.55
C ALA A 326 3.14 -7.55 13.65
N ILE A 327 3.40 -8.15 12.50
CA ILE A 327 4.22 -9.34 12.45
C ILE A 327 5.64 -8.92 12.80
N GLN A 328 6.00 -7.75 12.32
CA GLN A 328 7.31 -7.17 12.51
C GLN A 328 7.54 -6.78 13.93
N ASN A 329 6.46 -6.50 14.64
CA ASN A 329 6.58 -6.04 15.99
C ASN A 329 6.87 -7.23 16.97
N LEU A 330 6.33 -8.39 16.70
CA LEU A 330 6.66 -9.51 17.52
C LEU A 330 8.15 -9.75 17.65
N ARG A 331 8.97 -9.21 16.78
CA ARG A 331 10.39 -9.44 16.89
C ARG A 331 11.09 -8.15 17.40
N LYS A 332 10.44 -7.46 18.30
CA LYS A 332 10.93 -6.17 18.77
C LYS A 332 10.57 -5.94 20.20
N SER A 333 11.23 -5.01 20.90
CA SER A 333 10.84 -4.68 22.28
C SER A 333 9.71 -3.71 22.32
N GLU A 334 9.16 -3.47 23.49
CA GLU A 334 8.04 -2.50 23.67
C GLU A 334 8.56 -1.07 23.63
N GLU A 335 9.85 -0.92 23.93
CA GLU A 335 10.60 0.33 23.92
C GLU A 335 10.89 0.74 22.46
N GLU A 336 11.23 -0.24 21.62
CA GLU A 336 11.51 0.00 20.20
C GLU A 336 10.19 0.25 19.47
N VAL A 337 9.11 -0.32 19.95
CA VAL A 337 7.90 -0.24 19.20
C VAL A 337 7.28 1.11 19.43
N ALA A 338 7.36 1.63 20.62
CA ALA A 338 6.70 2.89 20.87
C ALA A 338 7.58 4.00 20.46
N ALA A 339 8.80 3.66 20.11
CA ALA A 339 9.75 4.72 19.70
C ALA A 339 9.51 5.06 18.23
N ARG A 340 9.28 4.02 17.43
CA ARG A 340 8.92 4.18 16.03
C ARG A 340 7.58 4.83 15.93
N ARG A 341 6.76 4.57 16.93
CA ARG A 341 5.38 5.07 16.96
C ARG A 341 5.44 6.59 17.07
N ALA A 342 6.54 7.11 17.58
CA ALA A 342 6.48 8.50 17.82
C ALA A 342 7.45 9.25 16.96
N ARG A 343 7.90 8.66 15.86
CA ARG A 343 8.82 9.39 14.94
C ARG A 343 8.25 9.38 13.61
N VAL A 344 8.57 10.41 12.85
CA VAL A 344 8.01 10.59 11.55
C VAL A 344 9.05 10.31 10.52
N VAL A 345 8.68 9.42 9.60
CA VAL A 345 9.50 9.02 8.45
C VAL A 345 9.01 9.61 7.13
N TRP A 346 9.67 10.66 6.66
CA TRP A 346 9.30 11.32 5.45
C TRP A 346 9.88 10.65 4.30
N CYS A 347 9.13 10.66 3.23
CA CYS A 347 9.57 10.03 1.98
C CYS A 347 10.12 11.09 1.04
N ALA A 348 11.15 10.72 0.27
CA ALA A 348 11.78 11.69 -0.59
C ALA A 348 11.87 11.14 -2.03
N VAL A 349 11.35 11.92 -2.94
CA VAL A 349 11.42 11.53 -4.30
C VAL A 349 12.68 12.06 -4.92
N GLY A 350 13.65 11.17 -5.07
CA GLY A 350 14.92 11.54 -5.66
C GLY A 350 16.05 11.78 -4.65
N GLU A 351 17.25 11.71 -5.18
CA GLU A 351 18.39 11.90 -4.37
C GLU A 351 18.50 13.33 -3.86
N GLN A 352 17.89 14.30 -4.55
CA GLN A 352 18.08 15.73 -4.21
C GLN A 352 17.15 16.07 -3.08
N GLU A 353 16.02 15.41 -3.12
CA GLU A 353 15.04 15.59 -2.07
C GLU A 353 15.57 14.83 -0.87
N LEU A 354 16.28 13.74 -1.13
CA LEU A 354 16.72 12.90 -0.05
C LEU A 354 17.80 13.65 0.73
N ARG A 355 18.58 14.45 0.01
CA ARG A 355 19.71 15.10 0.58
C ARG A 355 19.23 16.21 1.51
N LYS A 356 18.17 16.87 1.14
CA LYS A 356 17.64 17.98 1.94
C LYS A 356 16.99 17.39 3.16
N CYS A 357 16.53 16.18 3.02
CA CYS A 357 15.77 15.59 4.10
C CYS A 357 16.73 15.16 5.19
N ASN A 358 17.88 14.59 4.82
CA ASN A 358 18.91 14.22 5.84
C ASN A 358 19.40 15.40 6.65
N GLN A 359 19.49 16.58 6.04
CA GLN A 359 19.89 17.82 6.70
C GLN A 359 18.87 18.17 7.78
N TRP A 360 17.61 18.08 7.42
CA TRP A 360 16.52 18.30 8.37
C TRP A 360 16.58 17.29 9.58
N SER A 361 16.96 16.03 9.32
CA SER A 361 16.97 14.94 10.34
C SER A 361 18.04 15.13 11.34
N GLY A 362 19.12 15.72 10.91
CA GLY A 362 20.19 16.01 11.82
C GLY A 362 19.76 17.06 12.82
N LEU A 363 18.81 17.94 12.51
CA LEU A 363 18.46 19.05 13.41
C LEU A 363 17.05 18.89 13.99
N SER A 364 16.49 17.72 13.76
CA SER A 364 15.18 17.41 14.30
C SER A 364 15.10 16.84 15.72
N GLU A 365 16.24 16.54 16.32
CA GLU A 365 16.22 16.03 17.69
C GLU A 365 15.49 14.67 17.72
N GLY A 366 15.78 13.86 16.69
CA GLY A 366 15.25 12.51 16.55
C GLY A 366 13.74 12.40 16.43
N SER A 367 13.12 13.38 15.84
CA SER A 367 11.71 13.28 15.59
C SER A 367 11.47 13.09 14.10
N VAL A 368 12.51 13.13 13.28
CA VAL A 368 12.34 12.88 11.85
C VAL A 368 13.56 12.16 11.27
N THR A 369 13.31 11.07 10.55
CA THR A 369 14.35 10.39 9.80
C THR A 369 13.78 10.22 8.39
N CYS A 370 14.55 9.73 7.45
CA CYS A 370 14.04 9.70 6.08
C CYS A 370 14.05 8.38 5.32
N SER A 371 13.10 8.25 4.39
CA SER A 371 13.14 7.20 3.39
C SER A 371 13.25 7.73 1.96
N SER A 372 13.13 6.88 0.94
CA SER A 372 13.34 7.36 -0.39
C SER A 372 12.90 6.40 -1.47
N ALA A 373 12.56 6.96 -2.61
CA ALA A 373 12.19 6.21 -3.81
C ALA A 373 12.36 7.08 -5.10
N SER A 374 12.37 6.44 -6.27
CA SER A 374 12.74 7.14 -7.46
C SER A 374 11.54 7.92 -8.03
N THR A 375 10.35 7.56 -7.63
CA THR A 375 9.17 8.21 -8.14
C THR A 375 8.19 8.43 -7.03
N THR A 376 7.20 9.27 -7.25
CA THR A 376 6.16 9.56 -6.25
C THR A 376 5.30 8.35 -5.83
N GLU A 377 4.87 7.58 -6.80
CA GLU A 377 4.03 6.43 -6.59
C GLU A 377 4.75 5.45 -5.70
N ASP A 378 6.02 5.17 -5.97
CA ASP A 378 6.81 4.20 -5.20
C ASP A 378 6.88 4.60 -3.73
N CYS A 379 6.82 5.87 -3.45
CA CYS A 379 6.89 6.39 -2.11
C CYS A 379 5.59 6.19 -1.41
N ILE A 380 4.50 6.31 -2.16
CA ILE A 380 3.14 6.07 -1.58
C ILE A 380 3.02 4.60 -1.17
N ALA A 381 3.64 3.74 -1.98
CA ALA A 381 3.59 2.35 -1.71
C ALA A 381 4.29 2.09 -0.35
N LEU A 382 5.28 2.93 -0.03
CA LEU A 382 6.08 2.74 1.15
C LEU A 382 5.31 3.12 2.37
N VAL A 383 4.42 4.08 2.24
CA VAL A 383 3.60 4.47 3.39
C VAL A 383 2.54 3.41 3.71
N LEU A 384 2.04 2.78 2.66
CA LEU A 384 1.12 1.70 2.83
C LEU A 384 1.87 0.52 3.49
N LYS A 385 3.13 0.31 3.13
CA LYS A 385 3.90 -0.79 3.70
C LYS A 385 4.46 -0.49 5.12
N GLY A 386 4.16 0.69 5.63
CA GLY A 386 4.68 1.13 6.92
C GLY A 386 6.17 1.48 6.99
N GLU A 387 6.89 1.53 5.89
CA GLU A 387 8.31 1.82 5.97
C GLU A 387 8.49 3.31 6.05
N ALA A 388 7.64 4.06 5.36
CA ALA A 388 7.63 5.52 5.48
C ALA A 388 6.33 6.00 6.10
N ASP A 389 6.20 7.29 6.30
CA ASP A 389 5.00 7.87 6.91
C ASP A 389 4.34 9.02 6.12
N ALA A 390 5.02 10.16 6.02
CA ALA A 390 4.41 11.28 5.34
C ALA A 390 5.23 11.90 4.24
N MET A 391 4.56 12.76 3.49
CA MET A 391 5.08 13.40 2.30
C MET A 391 4.08 14.48 1.73
N SER A 392 4.61 15.63 1.33
CA SER A 392 3.87 16.64 0.59
C SER A 392 3.53 16.24 -0.87
N LEU A 393 2.23 16.16 -1.17
CA LEU A 393 1.77 15.71 -2.48
C LEU A 393 0.99 16.79 -3.15
N ASP A 394 1.09 16.84 -4.47
CA ASP A 394 0.28 17.75 -5.27
C ASP A 394 -1.09 17.20 -5.40
N GLY A 395 -2.00 18.08 -5.54
CA GLY A 395 -3.39 17.72 -5.54
C GLY A 395 -3.68 16.49 -6.39
N GLY A 396 -2.87 16.27 -7.41
CA GLY A 396 -3.18 15.21 -8.36
C GLY A 396 -2.82 13.92 -7.74
N TYR A 397 -1.72 13.93 -7.00
CA TYR A 397 -1.26 12.75 -6.29
C TYR A 397 -2.04 12.58 -4.98
N VAL A 398 -2.84 13.57 -4.58
CA VAL A 398 -3.68 13.37 -3.42
C VAL A 398 -4.81 12.45 -3.74
N TYR A 399 -5.23 12.37 -5.00
CA TYR A 399 -6.34 11.50 -5.40
C TYR A 399 -5.78 10.09 -5.27
N THR A 400 -4.61 9.82 -5.86
CA THR A 400 -4.15 8.43 -5.93
C THR A 400 -3.91 7.94 -4.51
N ALA A 401 -3.30 8.80 -3.69
CA ALA A 401 -3.04 8.49 -2.33
C ALA A 401 -4.35 8.27 -1.64
N GLY A 402 -5.35 8.99 -2.14
CA GLY A 402 -6.66 9.06 -1.52
C GLY A 402 -7.39 7.77 -1.65
N LYS A 403 -7.15 7.09 -2.72
CA LYS A 403 -7.90 5.91 -2.96
C LYS A 403 -7.15 4.75 -2.41
N CYS A 404 -5.99 5.01 -1.82
CA CYS A 404 -5.23 3.98 -1.20
C CYS A 404 -5.38 4.12 0.29
N GLY A 405 -6.26 5.02 0.73
CA GLY A 405 -6.62 5.00 2.13
C GLY A 405 -5.99 6.06 2.94
N LEU A 406 -4.97 6.71 2.39
CA LEU A 406 -4.26 7.80 3.11
C LEU A 406 -5.11 9.03 3.24
N VAL A 407 -4.88 9.92 4.14
CA VAL A 407 -5.70 11.13 4.19
C VAL A 407 -4.86 12.38 4.38
N PRO A 408 -5.42 13.52 4.06
CA PRO A 408 -4.69 14.78 4.21
C PRO A 408 -4.50 15.19 5.64
N VAL A 409 -3.43 15.93 5.98
CA VAL A 409 -3.22 16.39 7.39
C VAL A 409 -3.04 17.89 7.47
N LEU A 410 -2.04 18.40 6.79
CA LEU A 410 -1.78 19.82 6.75
C LEU A 410 -1.52 20.17 5.29
N ALA A 411 -1.91 21.38 4.90
CA ALA A 411 -1.76 21.83 3.53
C ALA A 411 -0.91 23.08 3.38
N GLU A 412 -0.25 23.23 2.22
CA GLU A 412 0.77 24.26 2.05
C GLU A 412 -0.03 25.50 1.93
N ASN A 413 0.37 26.54 2.62
CA ASN A 413 -0.38 27.80 2.61
C ASN A 413 0.45 28.91 2.01
N TYR A 414 0.24 29.14 0.73
CA TYR A 414 1.00 30.12 -0.03
C TYR A 414 0.56 31.56 0.25
N LYS A 415 1.47 32.51 0.04
CA LYS A 415 1.19 33.89 0.38
C LYS A 415 -0.17 34.21 -0.17
N SER A 416 -1.04 34.80 0.66
CA SER A 416 -2.47 35.01 0.29
C SER A 416 -2.67 35.97 -0.84
N GLN A 417 -3.82 35.83 -1.50
CA GLN A 417 -4.16 36.72 -2.64
C GLN A 417 -4.34 38.17 -2.11
N GLN A 418 -3.18 38.84 -1.92
CA GLN A 418 -3.08 40.14 -1.26
C GLN A 418 -4.14 40.33 -0.12
N SER A 419 -3.82 39.82 1.06
CA SER A 419 -4.70 39.97 2.24
C SER A 419 -3.99 40.67 3.41
N SER A 420 -2.92 40.05 3.89
CA SER A 420 -2.18 40.57 5.03
C SER A 420 -0.70 40.64 4.67
N ASP A 421 0.14 40.99 5.68
CA ASP A 421 1.62 40.94 5.56
C ASP A 421 2.02 39.63 6.25
N PRO A 422 3.30 39.27 6.31
CA PRO A 422 3.71 38.05 7.03
C PRO A 422 2.80 37.70 8.20
N ASP A 423 1.74 36.98 7.84
CA ASP A 423 0.64 36.73 8.74
C ASP A 423 1.01 35.96 9.99
N PRO A 424 0.65 36.47 11.14
CA PRO A 424 0.83 35.76 12.41
C PRO A 424 -0.05 34.52 12.52
N ASN A 425 -1.32 34.63 12.16
CA ASN A 425 -2.19 33.47 12.25
C ASN A 425 -2.24 32.68 10.91
N CYS A 426 -1.06 32.41 10.34
CA CYS A 426 -0.98 31.68 9.07
C CYS A 426 -1.47 30.27 9.21
N VAL A 427 -1.22 29.70 10.35
CA VAL A 427 -1.58 28.33 10.60
C VAL A 427 -3.08 28.16 10.67
N ASP A 428 -3.78 29.18 11.13
CA ASP A 428 -5.22 29.02 11.19
C ASP A 428 -5.94 29.65 10.00
N ARG A 429 -5.17 30.27 9.12
CA ARG A 429 -5.74 30.94 7.97
C ARG A 429 -6.15 29.91 6.94
N PRO A 430 -7.38 29.97 6.44
CA PRO A 430 -7.85 29.01 5.41
C PRO A 430 -7.22 29.15 4.03
N VAL A 431 -7.07 28.02 3.36
CA VAL A 431 -6.31 28.01 2.12
C VAL A 431 -7.12 28.56 1.03
N GLU A 432 -6.49 29.33 0.14
CA GLU A 432 -7.19 30.01 -0.97
C GLU A 432 -7.04 29.26 -2.29
N GLY A 433 -5.97 28.43 -2.40
CA GLY A 433 -5.67 27.67 -3.60
C GLY A 433 -4.81 28.46 -4.56
N TYR A 434 -4.07 27.80 -5.45
CA TYR A 434 -3.29 28.48 -6.50
C TYR A 434 -3.88 28.47 -7.91
N LEU A 435 -3.26 29.19 -8.84
CA LEU A 435 -3.84 29.36 -10.17
C LEU A 435 -3.08 28.64 -11.23
N ALA A 436 -3.77 27.75 -11.91
CA ALA A 436 -3.21 27.01 -12.99
C ALA A 436 -3.26 27.86 -14.26
N VAL A 437 -2.12 28.06 -14.91
CA VAL A 437 -2.10 28.88 -16.08
C VAL A 437 -1.25 28.25 -17.14
N ALA A 438 -1.38 28.76 -18.36
CA ALA A 438 -0.53 28.34 -19.50
C ALA A 438 0.42 29.46 -19.85
N VAL A 439 1.60 29.16 -20.36
CA VAL A 439 2.59 30.21 -20.54
C VAL A 439 3.24 30.07 -21.89
N VAL A 440 3.53 31.20 -22.52
CA VAL A 440 4.18 31.25 -23.85
C VAL A 440 5.06 32.46 -23.95
N ARG A 441 5.83 32.50 -25.03
CA ARG A 441 6.76 33.59 -25.27
C ARG A 441 5.98 34.70 -25.96
N ARG A 442 6.55 35.90 -26.00
CA ARG A 442 5.85 37.06 -26.51
C ARG A 442 5.94 37.10 -28.00
N SER A 443 7.14 36.88 -28.49
CA SER A 443 7.38 36.86 -29.90
C SER A 443 6.36 36.05 -30.70
N ASP A 444 5.95 34.89 -30.20
CA ASP A 444 5.02 34.07 -30.96
C ASP A 444 3.66 34.69 -30.64
N THR A 445 3.17 35.55 -31.53
CA THR A 445 1.93 36.24 -31.30
C THR A 445 0.69 35.49 -31.83
N SER A 446 0.86 34.69 -32.86
CA SER A 446 -0.25 33.89 -33.37
C SER A 446 -0.78 32.75 -32.45
N LEU A 447 -0.05 32.38 -31.40
CA LEU A 447 -0.43 31.31 -30.46
C LEU A 447 -1.56 31.79 -29.57
N THR A 448 -2.62 31.04 -29.57
CA THR A 448 -3.74 31.27 -28.69
C THR A 448 -4.23 29.91 -28.14
N TRP A 449 -5.19 29.93 -27.23
CA TRP A 449 -5.69 28.68 -26.66
C TRP A 449 -6.43 27.84 -27.64
N ASN A 450 -7.02 28.45 -28.66
CA ASN A 450 -7.79 27.69 -29.67
C ASN A 450 -6.89 27.05 -30.71
N SER A 451 -5.64 27.46 -30.75
CA SER A 451 -4.69 26.87 -31.67
C SER A 451 -3.45 26.32 -31.00
N VAL A 452 -3.49 26.03 -29.71
CA VAL A 452 -2.29 25.58 -29.02
C VAL A 452 -2.03 24.12 -29.35
N LYS A 453 -3.10 23.38 -29.60
CA LYS A 453 -2.99 21.98 -29.98
C LYS A 453 -2.27 21.81 -31.31
N GLY A 454 -1.27 20.94 -31.31
CA GLY A 454 -0.51 20.67 -32.50
C GLY A 454 0.93 21.09 -32.31
N LYS A 455 1.11 22.10 -31.47
CA LYS A 455 2.43 22.59 -31.08
C LYS A 455 3.14 21.68 -29.99
N LYS A 456 4.39 22.03 -29.65
CA LYS A 456 5.18 21.35 -28.61
C LYS A 456 4.73 21.90 -27.25
N SER A 457 4.74 21.08 -26.19
CA SER A 457 4.22 21.45 -24.85
C SER A 457 5.20 21.13 -23.79
N CYS A 458 5.10 21.79 -22.66
CA CYS A 458 6.03 21.54 -21.55
C CYS A 458 5.27 21.30 -20.25
N HIS A 459 5.06 20.04 -19.89
CA HIS A 459 4.34 19.68 -18.66
C HIS A 459 5.27 19.48 -17.48
N THR A 460 4.71 19.62 -16.28
CA THR A 460 5.30 19.37 -14.97
C THR A 460 5.57 17.92 -14.75
N ALA A 461 4.51 17.16 -14.90
CA ALA A 461 4.56 15.69 -14.86
C ALA A 461 3.15 15.06 -14.85
N VAL A 462 3.05 13.85 -15.34
CA VAL A 462 1.76 13.18 -15.46
C VAL A 462 1.09 13.05 -14.13
N ASP A 463 -0.21 13.27 -14.12
CA ASP A 463 -1.10 13.15 -12.96
C ASP A 463 -0.94 14.23 -11.94
N ARG A 464 -0.23 15.27 -12.31
CA ARG A 464 -0.11 16.42 -11.43
C ARG A 464 -1.20 17.41 -11.86
N THR A 465 -1.53 18.39 -11.05
CA THR A 465 -2.67 19.32 -11.35
C THR A 465 -2.54 20.33 -12.51
N ALA A 466 -1.74 21.37 -12.35
CA ALA A 466 -1.57 22.34 -13.41
C ALA A 466 -0.81 21.81 -14.59
N GLY A 467 0.01 20.78 -14.36
CA GLY A 467 0.81 20.19 -15.41
C GLY A 467 0.07 19.25 -16.33
N TRP A 468 -0.85 18.49 -15.77
CA TRP A 468 -1.55 17.50 -16.57
C TRP A 468 -3.07 17.55 -16.33
N ASN A 469 -3.52 17.52 -15.10
CA ASN A 469 -4.90 17.23 -14.97
C ASN A 469 -5.78 18.25 -15.65
N ILE A 470 -5.31 19.49 -15.75
CA ILE A 470 -6.15 20.59 -16.19
C ILE A 470 -6.02 20.86 -17.66
N PRO A 471 -4.84 20.97 -18.17
CA PRO A 471 -4.68 21.18 -19.59
C PRO A 471 -5.26 20.02 -20.37
N MET A 472 -4.92 18.78 -20.01
CA MET A 472 -5.41 17.66 -20.82
C MET A 472 -6.90 17.53 -20.53
N GLY A 473 -7.30 17.99 -19.36
CA GLY A 473 -8.68 17.87 -18.95
C GLY A 473 -9.64 18.71 -19.76
N LEU A 474 -9.21 19.88 -20.18
CA LEU A 474 -10.04 20.77 -20.96
C LEU A 474 -10.05 20.27 -22.40
N LEU A 475 -8.91 19.70 -22.83
CA LEU A 475 -8.78 19.24 -24.19
C LEU A 475 -9.55 17.95 -24.36
N PHE A 476 -9.91 17.33 -23.25
CA PHE A 476 -10.58 16.06 -23.34
C PHE A 476 -12.02 16.34 -23.38
N ASN A 477 -12.41 17.43 -22.78
CA ASN A 477 -13.81 17.78 -22.82
C ASN A 477 -14.20 18.05 -24.23
N GLN A 478 -13.25 18.47 -25.06
CA GLN A 478 -13.58 18.95 -26.42
C GLN A 478 -13.56 17.78 -27.40
N THR A 479 -12.41 17.13 -27.48
CA THR A 479 -12.25 16.11 -28.49
C THR A 479 -12.94 14.86 -28.01
N GLY A 480 -12.67 14.48 -26.78
CA GLY A 480 -13.18 13.24 -26.27
C GLY A 480 -12.13 12.17 -26.43
N SER A 481 -11.09 12.38 -27.22
CA SER A 481 -10.14 11.28 -27.47
C SER A 481 -9.30 10.91 -26.28
N CYS A 482 -9.16 9.65 -26.02
CA CYS A 482 -8.36 9.20 -24.87
C CYS A 482 -6.85 9.15 -25.15
N LYS A 483 -6.42 9.24 -26.41
CA LYS A 483 -5.03 9.26 -26.75
C LYS A 483 -4.42 10.62 -26.45
N PHE A 484 -3.71 10.74 -25.33
CA PHE A 484 -3.19 12.02 -24.91
C PHE A 484 -1.88 12.28 -25.66
N ASP A 485 -1.30 11.25 -26.29
CA ASP A 485 0.00 11.43 -26.96
C ASP A 485 -0.10 12.06 -28.38
N GLU A 486 -1.33 12.34 -28.84
CA GLU A 486 -1.55 13.00 -30.14
C GLU A 486 -2.03 14.46 -30.00
N TYR A 487 -2.32 14.88 -28.78
CA TYR A 487 -2.74 16.25 -28.48
C TYR A 487 -1.69 17.22 -28.93
N PHE A 488 -0.47 17.05 -28.45
CA PHE A 488 0.70 17.85 -28.89
C PHE A 488 1.71 16.99 -29.70
N SER A 489 2.36 17.58 -30.68
CA SER A 489 3.32 16.85 -31.54
C SER A 489 4.46 16.22 -30.78
N GLN A 490 5.30 17.06 -30.18
CA GLN A 490 6.36 16.64 -29.26
C GLN A 490 6.19 17.40 -27.90
N SER A 491 6.77 16.90 -26.80
CA SER A 491 6.49 17.42 -25.48
C SER A 491 7.31 16.72 -24.40
N CYS A 492 7.46 17.38 -23.25
CA CYS A 492 8.18 16.81 -22.11
C CYS A 492 7.29 16.72 -20.93
N ALA A 493 6.85 15.49 -20.70
CA ALA A 493 5.93 15.12 -19.64
C ALA A 493 6.45 13.95 -18.80
N PRO A 494 7.32 14.23 -17.86
CA PRO A 494 7.97 13.20 -17.03
C PRO A 494 6.96 12.28 -16.36
N GLY A 495 7.18 10.98 -16.48
CA GLY A 495 6.27 9.97 -15.93
C GLY A 495 5.71 9.09 -17.00
N SER A 496 5.82 9.58 -18.21
CA SER A 496 5.35 8.89 -19.40
C SER A 496 6.37 7.90 -19.97
N ASP A 497 5.96 7.12 -21.01
CA ASP A 497 6.85 6.10 -21.60
C ASP A 497 7.99 6.81 -22.36
N PRO A 498 9.26 6.53 -22.05
CA PRO A 498 10.37 7.23 -22.69
C PRO A 498 10.44 7.06 -24.19
N ARG A 499 9.96 5.95 -24.72
CA ARG A 499 10.00 5.86 -26.18
C ARG A 499 8.74 6.47 -26.82
N SER A 500 8.03 7.29 -26.03
CA SER A 500 6.78 7.96 -26.45
C SER A 500 7.01 9.37 -26.94
N ASN A 501 6.03 9.94 -27.62
CA ASN A 501 6.17 11.31 -28.13
C ASN A 501 6.12 12.26 -26.96
N LEU A 502 5.59 11.76 -25.85
CA LEU A 502 5.40 12.59 -24.68
C LEU A 502 6.69 12.87 -23.94
N CYS A 503 7.79 12.22 -24.31
CA CYS A 503 9.07 12.39 -23.61
C CYS A 503 10.10 12.91 -24.59
N ALA A 504 9.70 13.21 -25.83
CA ALA A 504 10.65 13.57 -26.85
C ALA A 504 11.51 14.77 -26.47
N LEU A 505 10.94 15.76 -25.83
CA LEU A 505 11.66 17.01 -25.55
C LEU A 505 12.45 17.02 -24.22
N CYS A 506 12.37 15.93 -23.48
CA CYS A 506 13.05 15.90 -22.17
C CYS A 506 14.52 15.75 -22.39
N ILE A 507 15.30 16.20 -21.43
CA ILE A 507 16.73 16.19 -21.62
C ILE A 507 17.45 15.49 -20.51
N GLY A 508 16.75 15.08 -19.49
CA GLY A 508 17.41 14.30 -18.47
C GLY A 508 18.28 15.16 -17.57
N ASP A 509 19.13 14.53 -16.74
CA ASP A 509 20.04 15.25 -15.86
C ASP A 509 21.30 15.76 -16.58
N GLU A 510 22.21 16.34 -15.81
CA GLU A 510 23.36 17.06 -16.36
C GLU A 510 24.25 16.14 -17.26
N GLN A 511 24.24 14.81 -17.03
CA GLN A 511 25.05 13.85 -17.81
C GLN A 511 24.37 13.43 -19.12
N GLY A 512 23.05 13.44 -19.18
CA GLY A 512 22.34 12.97 -20.39
C GLY A 512 21.48 11.70 -20.22
N GLU A 513 21.53 11.16 -19.00
CA GLU A 513 20.73 10.00 -18.62
C GLU A 513 19.55 10.49 -17.78
N ASN A 514 18.63 9.57 -17.49
CA ASN A 514 17.40 9.84 -16.74
C ASN A 514 16.43 10.74 -17.49
N LYS A 515 16.25 10.51 -18.77
CA LYS A 515 15.28 11.31 -19.53
C LYS A 515 13.86 10.95 -19.16
N CYS A 516 13.04 11.94 -18.81
CA CYS A 516 11.59 11.75 -18.59
C CYS A 516 11.23 11.01 -17.35
N VAL A 517 12.15 10.84 -16.39
CA VAL A 517 11.80 10.23 -15.10
C VAL A 517 11.11 11.31 -14.27
N PRO A 518 10.09 10.97 -13.49
CA PRO A 518 9.34 11.94 -12.75
C PRO A 518 9.90 12.32 -11.39
N ASN A 519 11.21 12.60 -11.26
CA ASN A 519 11.79 13.17 -10.01
C ASN A 519 12.56 14.40 -10.36
N SER A 520 13.11 15.06 -9.38
CA SER A 520 13.89 16.25 -9.68
C SER A 520 15.22 16.12 -10.45
N ASN A 521 15.74 14.91 -10.69
CA ASN A 521 16.93 14.75 -11.50
C ASN A 521 16.74 15.24 -12.94
N GLU A 522 15.55 15.03 -13.47
CA GLU A 522 15.16 15.65 -14.77
C GLU A 522 15.17 17.18 -14.70
N ARG A 523 15.90 17.80 -15.60
CA ARG A 523 16.09 19.23 -15.52
C ARG A 523 14.75 19.93 -15.70
N TYR A 524 13.91 19.33 -16.57
CA TYR A 524 12.63 19.91 -16.95
C TYR A 524 11.47 19.31 -16.18
N TYR A 525 11.69 18.88 -14.94
CA TYR A 525 10.63 18.27 -14.12
C TYR A 525 10.09 19.33 -13.24
N GLY A 526 8.81 19.31 -12.92
CA GLY A 526 8.29 20.18 -11.88
C GLY A 526 7.89 21.53 -12.46
N TYR A 527 7.57 22.52 -11.62
CA TYR A 527 7.16 23.83 -12.12
C TYR A 527 8.38 24.54 -12.77
N THR A 528 9.43 24.63 -11.99
CA THR A 528 10.65 25.24 -12.42
C THR A 528 11.15 24.56 -13.69
N GLY A 529 10.96 23.25 -13.81
CA GLY A 529 11.47 22.49 -14.94
C GLY A 529 10.66 22.74 -16.18
N ALA A 530 9.34 22.88 -16.00
CA ALA A 530 8.48 23.09 -17.14
C ALA A 530 8.75 24.45 -17.67
N PHE A 531 9.01 25.43 -16.83
CA PHE A 531 9.28 26.80 -17.32
C PHE A 531 10.62 26.79 -17.96
N ARG A 532 11.51 25.93 -17.53
CA ARG A 532 12.82 25.94 -18.08
C ARG A 532 12.66 25.47 -19.53
N CYS A 533 11.79 24.49 -19.72
CA CYS A 533 11.52 23.90 -21.03
C CYS A 533 11.04 24.96 -22.00
N LEU A 534 10.35 25.96 -21.50
CA LEU A 534 9.83 27.02 -22.33
C LEU A 534 10.99 27.93 -22.71
N ALA A 535 11.76 28.33 -21.71
CA ALA A 535 12.66 29.45 -21.88
C ALA A 535 13.75 29.05 -22.82
N GLU A 536 13.98 27.75 -22.92
CA GLU A 536 15.07 27.32 -23.74
C GLU A 536 14.56 26.91 -25.14
N ASN A 537 13.33 27.30 -25.47
CA ASN A 537 12.81 27.07 -26.82
C ASN A 537 12.84 25.60 -27.21
N ALA A 538 12.46 24.79 -26.26
CA ALA A 538 12.28 23.39 -26.50
C ALA A 538 10.85 23.11 -26.80
N GLY A 539 9.97 23.67 -26.00
CA GLY A 539 8.54 23.66 -26.30
C GLY A 539 7.96 25.04 -26.70
N ASP A 540 6.64 25.12 -26.79
CA ASP A 540 5.99 26.35 -27.19
C ASP A 540 5.10 26.88 -26.06
N VAL A 541 4.38 26.02 -25.40
CA VAL A 541 3.50 26.37 -24.33
C VAL A 541 4.00 25.59 -23.14
N ALA A 542 3.67 26.06 -21.94
CA ALA A 542 4.13 25.37 -20.75
C ALA A 542 3.11 25.54 -19.64
N PHE A 543 2.54 24.43 -19.19
CA PHE A 543 1.51 24.44 -18.15
C PHE A 543 2.02 24.39 -16.69
N VAL A 544 2.28 25.56 -16.10
CA VAL A 544 2.69 25.66 -14.72
C VAL A 544 1.74 26.53 -13.92
N LYS A 545 2.23 27.22 -12.89
CA LYS A 545 1.42 28.20 -12.12
C LYS A 545 1.96 29.61 -12.24
N ASP A 546 1.12 30.61 -11.90
CA ASP A 546 1.47 32.02 -12.09
C ASP A 546 2.75 32.43 -11.40
N VAL A 547 2.87 32.12 -10.13
CA VAL A 547 4.04 32.56 -9.39
C VAL A 547 5.32 31.90 -9.87
N THR A 548 5.22 30.83 -10.65
CA THR A 548 6.44 30.16 -11.14
C THR A 548 7.22 31.05 -12.09
N VAL A 549 6.46 31.82 -12.88
CA VAL A 549 7.05 32.71 -13.88
C VAL A 549 7.75 33.85 -13.16
N LEU A 550 7.10 34.31 -12.08
CA LEU A 550 7.61 35.46 -11.41
C LEU A 550 8.95 35.09 -10.75
N GLN A 551 8.93 33.96 -10.07
CA GLN A 551 10.05 33.48 -9.30
C GLN A 551 11.27 33.09 -10.15
N ASN A 552 11.15 33.09 -11.46
CA ASN A 552 12.23 32.64 -12.27
C ASN A 552 12.64 33.74 -13.20
N THR A 553 12.15 34.95 -13.00
CA THR A 553 12.59 36.03 -13.88
C THR A 553 12.95 37.30 -13.12
N ASP A 554 13.53 38.25 -13.84
CA ASP A 554 14.00 39.53 -13.28
C ASP A 554 15.01 39.27 -12.16
N GLY A 555 15.89 38.32 -12.43
CA GLY A 555 17.02 38.07 -11.57
C GLY A 555 16.61 37.43 -10.28
N ASN A 556 15.38 36.93 -10.18
CA ASN A 556 14.97 36.26 -8.95
C ASN A 556 15.49 34.84 -8.91
N ASN A 557 16.11 34.41 -10.01
CA ASN A 557 16.67 33.08 -10.10
C ASN A 557 18.03 33.25 -10.79
N ASN A 558 19.11 33.08 -10.06
CA ASN A 558 20.43 33.36 -10.58
C ASN A 558 21.11 32.22 -11.31
N ASP A 559 20.43 31.12 -11.56
CA ASP A 559 21.06 30.07 -12.33
C ASP A 559 21.36 30.49 -13.74
N ALA A 560 22.16 29.66 -14.41
CA ALA A 560 22.64 29.93 -15.77
C ALA A 560 21.53 30.26 -16.75
N TRP A 561 20.50 29.42 -16.75
CA TRP A 561 19.47 29.51 -17.75
C TRP A 561 18.52 30.64 -17.50
N ALA A 562 18.20 30.87 -16.24
CA ALA A 562 17.18 31.86 -15.90
C ALA A 562 17.74 33.23 -15.55
N LYS A 563 19.00 33.50 -15.91
CA LYS A 563 19.69 34.69 -15.39
C LYS A 563 19.24 35.95 -16.03
N ASP A 564 19.11 35.91 -17.35
CA ASP A 564 18.77 37.10 -18.13
C ASP A 564 17.28 37.22 -18.58
N LEU A 565 16.42 36.22 -18.30
CA LEU A 565 15.01 36.26 -18.74
C LEU A 565 14.31 37.37 -18.00
N LYS A 566 13.26 37.93 -18.55
CA LYS A 566 12.48 38.97 -17.85
C LYS A 566 10.95 38.69 -17.97
N LEU A 567 10.15 39.22 -17.05
CA LEU A 567 8.75 38.88 -16.93
C LEU A 567 7.94 39.36 -18.10
N ALA A 568 8.41 40.40 -18.74
CA ALA A 568 7.63 41.02 -19.84
C ALA A 568 7.76 40.26 -21.16
N ASP A 569 8.69 39.30 -21.17
CA ASP A 569 8.89 38.46 -22.35
C ASP A 569 7.97 37.29 -22.34
N PHE A 570 7.04 37.22 -21.40
CA PHE A 570 6.12 36.08 -21.35
C PHE A 570 4.65 36.47 -21.18
N ALA A 571 3.71 35.72 -21.80
CA ALA A 571 2.26 35.95 -21.66
C ALA A 571 1.47 34.72 -21.37
N LEU A 572 0.22 34.91 -20.97
CA LEU A 572 -0.66 33.82 -20.59
C LEU A 572 -1.81 33.64 -21.58
N LEU A 573 -2.21 32.40 -21.81
CA LEU A 573 -3.25 32.15 -22.75
C LEU A 573 -4.53 32.06 -21.93
N CYS A 574 -5.57 32.78 -22.36
CA CYS A 574 -6.88 32.75 -21.72
C CYS A 574 -7.83 31.90 -22.53
N LEU A 575 -8.88 31.43 -21.86
CA LEU A 575 -9.83 30.48 -22.43
C LEU A 575 -10.66 31.16 -23.49
N ASP A 576 -10.89 32.46 -23.34
CA ASP A 576 -11.72 33.20 -24.29
C ASP A 576 -11.06 33.45 -25.62
N GLY A 577 -9.76 33.35 -25.68
CA GLY A 577 -9.07 33.58 -26.92
C GLY A 577 -8.01 34.66 -26.78
N LYS A 578 -8.21 35.56 -25.80
CA LYS A 578 -7.31 36.67 -25.53
C LYS A 578 -6.00 36.26 -24.93
N ARG A 579 -5.02 37.14 -24.92
CA ARG A 579 -3.75 36.88 -24.19
C ARG A 579 -3.45 38.13 -23.35
N LYS A 580 -3.03 37.92 -22.12
CA LYS A 580 -2.70 39.02 -21.21
C LYS A 580 -1.25 38.83 -20.67
N PRO A 581 -0.76 39.76 -19.88
CA PRO A 581 0.51 39.53 -19.20
C PRO A 581 0.36 38.60 -18.01
N VAL A 582 1.50 38.15 -17.53
CA VAL A 582 1.57 37.22 -16.42
C VAL A 582 0.93 37.77 -15.15
N THR A 583 0.90 39.11 -14.99
CA THR A 583 0.43 39.74 -13.74
C THR A 583 -1.06 39.78 -13.79
N GLU A 584 -1.61 39.48 -14.95
CA GLU A 584 -3.04 39.52 -15.10
C GLU A 584 -3.59 38.13 -15.00
N ALA A 585 -2.97 37.30 -14.21
CA ALA A 585 -3.39 35.90 -14.16
C ALA A 585 -4.75 35.70 -13.52
N ARG A 586 -5.18 36.66 -12.72
CA ARG A 586 -6.37 36.46 -11.93
C ARG A 586 -7.52 36.41 -12.88
N SER A 587 -7.32 36.99 -14.05
CA SER A 587 -8.39 37.10 -15.03
C SER A 587 -8.06 36.36 -16.29
N CYS A 588 -6.89 35.72 -16.29
CA CYS A 588 -6.50 34.93 -17.42
C CYS A 588 -5.81 33.68 -16.91
N HIS A 589 -6.61 32.71 -16.49
CA HIS A 589 -6.13 31.41 -16.05
C HIS A 589 -7.14 30.27 -16.36
N LEU A 590 -6.66 29.02 -16.55
CA LEU A 590 -7.46 27.90 -17.04
C LEU A 590 -8.37 27.41 -15.96
N ALA A 591 -7.85 27.18 -14.76
CA ALA A 591 -8.69 26.86 -13.58
C ALA A 591 -7.97 27.02 -12.19
N MET A 592 -8.73 27.06 -11.09
CA MET A 592 -8.17 27.10 -9.72
C MET A 592 -7.70 25.72 -9.22
N ALA A 593 -6.45 25.60 -8.85
CA ALA A 593 -5.91 24.31 -8.40
C ALA A 593 -5.78 24.30 -6.92
N PRO A 594 -6.23 23.25 -6.27
CA PRO A 594 -6.19 23.15 -4.81
C PRO A 594 -4.77 22.91 -4.33
N ASN A 595 -4.51 23.25 -3.07
CA ASN A 595 -3.18 23.36 -2.53
C ASN A 595 -2.58 22.02 -2.33
N HIS A 596 -1.26 21.97 -2.17
CA HIS A 596 -0.58 20.74 -1.99
C HIS A 596 -0.84 20.38 -0.56
N ALA A 597 -0.77 19.09 -0.20
CA ALA A 597 -1.17 18.66 1.13
C ALA A 597 -0.30 17.57 1.60
N VAL A 598 0.11 17.63 2.84
CA VAL A 598 0.95 16.61 3.36
C VAL A 598 0.03 15.50 3.84
N VAL A 599 0.18 14.29 3.28
CA VAL A 599 -0.66 13.11 3.64
C VAL A 599 0.08 12.03 4.47
N SER A 600 -0.68 11.21 5.21
CA SER A 600 -0.11 10.11 6.01
C SER A 600 -1.21 9.11 6.23
N ARG A 601 -0.99 8.20 7.17
CA ARG A 601 -1.99 7.19 7.48
C ARG A 601 -2.92 7.75 8.55
N MET A 602 -3.95 7.01 8.85
CA MET A 602 -4.93 7.47 9.80
C MET A 602 -4.31 7.26 11.14
N ASP A 603 -3.33 6.36 11.24
CA ASP A 603 -2.70 6.07 12.53
C ASP A 603 -1.55 6.97 12.87
N LYS A 604 -1.14 7.82 11.96
CA LYS A 604 0.00 8.64 12.26
C LYS A 604 -0.40 10.07 12.17
N VAL A 605 -1.61 10.41 12.57
CA VAL A 605 -2.09 11.73 12.19
C VAL A 605 -1.78 12.70 13.23
N GLU A 606 -2.00 12.27 14.46
CA GLU A 606 -1.86 13.18 15.59
C GLU A 606 -0.39 13.51 15.91
N ARG A 607 0.46 12.49 15.89
CA ARG A 607 1.89 12.77 16.10
C ARG A 607 2.46 13.60 14.94
N LEU A 608 2.07 13.34 13.71
CA LEU A 608 2.59 14.08 12.55
C LEU A 608 2.23 15.57 12.61
N LYS A 609 1.11 15.84 13.24
CA LYS A 609 0.57 17.20 13.33
C LYS A 609 1.34 18.03 14.39
N GLN A 610 1.64 17.40 15.51
CA GLN A 610 2.32 18.08 16.57
C GLN A 610 3.80 18.20 16.25
N VAL A 611 4.29 17.37 15.34
CA VAL A 611 5.70 17.43 14.96
C VAL A 611 5.93 18.49 13.88
N LEU A 612 5.11 18.46 12.84
CA LEU A 612 5.32 19.43 11.78
C LEU A 612 5.13 20.81 12.33
N LEU A 613 4.17 20.98 13.23
CA LEU A 613 3.90 22.30 13.77
C LEU A 613 5.07 22.77 14.60
N HIS A 614 5.71 21.84 15.30
CA HIS A 614 6.89 22.17 16.10
C HIS A 614 8.10 22.46 15.20
N GLN A 615 8.29 21.71 14.11
CA GLN A 615 9.51 21.83 13.35
C GLN A 615 9.45 23.08 12.52
N GLN A 616 8.26 23.57 12.28
CA GLN A 616 8.16 24.74 11.44
C GLN A 616 8.31 26.01 12.26
N ALA A 617 8.19 25.83 13.57
CA ALA A 617 8.36 26.95 14.47
C ALA A 617 9.84 27.19 14.60
N LYS A 618 10.61 26.18 14.25
CA LYS A 618 12.03 26.25 14.42
C LYS A 618 12.67 26.58 13.10
N PHE A 619 12.37 25.79 12.05
CA PHE A 619 12.96 26.05 10.74
C PHE A 619 11.98 26.55 9.69
N GLY A 620 10.86 27.13 10.13
CA GLY A 620 9.85 27.67 9.21
C GLY A 620 10.23 28.90 8.39
N ARG A 621 9.20 29.66 8.04
CA ARG A 621 9.32 30.90 7.27
C ARG A 621 9.72 32.00 8.21
N ASN A 622 9.04 32.10 9.33
CA ASN A 622 9.47 33.01 10.37
C ASN A 622 10.08 32.19 11.50
N GLY A 623 10.76 31.11 11.16
CA GLY A 623 11.33 30.25 12.17
C GLY A 623 12.49 30.88 12.87
N SER A 624 12.57 30.61 14.17
CA SER A 624 13.65 31.06 15.02
C SER A 624 15.01 30.58 14.47
N ASP A 625 15.15 29.31 14.15
CA ASP A 625 16.42 28.81 13.60
C ASP A 625 16.62 29.03 12.08
N CYS A 626 15.80 29.91 11.49
CA CYS A 626 15.96 30.29 10.08
C CYS A 626 17.25 31.13 9.86
N PRO A 627 17.48 31.59 8.66
CA PRO A 627 18.75 31.56 7.93
C PRO A 627 19.99 30.88 8.54
N ASP A 628 20.31 31.18 9.77
CA ASP A 628 21.51 30.69 10.40
C ASP A 628 21.72 29.21 10.20
N LYS A 629 20.67 28.44 10.45
CA LYS A 629 20.85 26.99 10.47
C LYS A 629 20.25 26.24 9.30
N PHE A 630 18.91 26.35 9.19
CA PHE A 630 18.16 25.61 8.18
C PHE A 630 16.76 26.20 8.02
N CYS A 631 16.18 26.05 6.84
CA CYS A 631 14.83 26.58 6.53
C CYS A 631 14.06 25.54 5.74
N LEU A 632 12.81 25.34 6.05
CA LEU A 632 12.11 24.18 5.47
C LEU A 632 11.65 24.45 4.06
N PHE A 633 11.11 25.67 3.88
CA PHE A 633 10.52 26.10 2.63
C PHE A 633 11.54 26.92 1.81
N GLN A 634 12.79 26.48 1.81
CA GLN A 634 13.87 27.16 1.12
C GLN A 634 14.89 26.11 0.52
N SER A 635 15.07 26.11 -0.78
CA SER A 635 15.98 25.17 -1.44
C SER A 635 16.58 25.76 -2.74
N GLU A 636 16.30 27.05 -2.99
CA GLU A 636 16.77 27.82 -4.15
C GLU A 636 15.99 27.45 -5.44
N THR A 637 14.68 27.73 -5.41
CA THR A 637 13.76 27.57 -6.55
C THR A 637 13.84 26.24 -7.23
N LYS A 638 13.96 25.17 -6.46
CA LYS A 638 13.94 23.83 -7.01
C LYS A 638 12.73 23.08 -6.43
N ASN A 639 12.13 23.66 -5.41
CA ASN A 639 11.03 23.07 -4.68
C ASN A 639 11.24 21.69 -4.11
N LEU A 640 12.35 21.51 -3.43
CA LEU A 640 12.71 20.23 -2.85
C LEU A 640 11.90 20.05 -1.58
N LEU A 641 11.18 18.96 -1.50
CA LEU A 641 10.35 18.62 -0.34
C LEU A 641 9.06 19.42 -0.28
N PHE A 642 9.13 20.66 0.13
CA PHE A 642 7.94 21.51 0.10
C PHE A 642 8.15 22.53 -1.00
N ASN A 643 7.12 23.30 -1.33
CA ASN A 643 7.28 24.42 -2.26
C ASN A 643 7.95 25.66 -1.67
N ASP A 644 8.76 26.37 -2.46
CA ASP A 644 9.58 27.42 -1.88
C ASP A 644 8.71 28.56 -1.45
N ASN A 645 7.57 28.68 -2.11
CA ASN A 645 6.66 29.80 -1.88
C ASN A 645 5.61 29.46 -0.79
N THR A 646 5.92 28.48 0.01
CA THR A 646 5.08 28.12 1.12
C THR A 646 5.27 29.00 2.32
N GLU A 647 4.19 29.52 2.88
CA GLU A 647 4.29 30.38 4.10
C GLU A 647 4.34 29.54 5.38
N CYS A 648 3.38 28.65 5.50
CA CYS A 648 3.25 27.80 6.63
C CYS A 648 2.36 26.52 6.39
N LEU A 649 2.58 25.43 7.12
CA LEU A 649 1.70 24.31 6.97
C LEU A 649 0.45 24.65 7.77
N ALA A 650 -0.74 24.59 7.18
CA ALA A 650 -1.96 25.00 7.86
C ALA A 650 -2.98 23.90 8.09
N ARG A 651 -3.88 24.07 9.09
CA ARG A 651 -5.01 23.13 9.31
C ARG A 651 -6.00 23.19 8.15
N LEU A 652 -6.77 22.13 7.98
CA LEU A 652 -7.65 22.01 6.81
C LEU A 652 -9.11 22.46 7.06
N HIS A 653 -9.46 22.63 8.33
CA HIS A 653 -10.79 23.09 8.70
C HIS A 653 -11.84 22.07 8.31
N GLY A 654 -11.68 20.85 8.80
CA GLY A 654 -12.72 19.87 8.66
C GLY A 654 -12.72 19.07 7.36
N LYS A 655 -11.93 19.49 6.38
CA LYS A 655 -11.78 18.68 5.19
C LYS A 655 -10.74 17.63 5.51
N THR A 656 -11.16 16.52 6.05
CA THR A 656 -10.22 15.55 6.51
C THR A 656 -9.98 14.37 5.53
N THR A 657 -10.61 14.37 4.37
CA THR A 657 -10.40 13.32 3.39
C THR A 657 -10.21 13.78 1.96
N TYR A 658 -9.76 12.88 1.12
CA TYR A 658 -9.36 13.31 -0.20
C TYR A 658 -10.51 13.83 -0.90
N GLU A 659 -11.70 13.40 -0.54
CA GLU A 659 -12.91 13.82 -1.28
C GLU A 659 -13.24 15.26 -0.89
N LYS A 660 -13.10 15.57 0.39
CA LYS A 660 -13.64 16.82 0.87
C LYS A 660 -12.68 17.94 0.61
N TYR A 661 -11.41 17.58 0.49
CA TYR A 661 -10.34 18.55 0.29
C TYR A 661 -10.22 18.98 -1.17
N LEU A 662 -10.23 18.05 -2.09
CA LEU A 662 -10.05 18.35 -3.49
C LEU A 662 -11.26 19.03 -4.02
N GLY A 663 -12.41 18.58 -3.57
CA GLY A 663 -13.65 19.12 -4.11
C GLY A 663 -14.37 18.10 -4.99
N PRO A 664 -15.68 18.00 -4.80
CA PRO A 664 -16.55 17.14 -5.57
C PRO A 664 -16.33 17.07 -7.05
N GLN A 665 -16.28 18.20 -7.72
CA GLN A 665 -16.14 18.10 -9.14
C GLN A 665 -14.69 17.94 -9.61
N TYR A 666 -13.69 18.17 -8.74
CA TYR A 666 -12.26 17.95 -9.11
C TYR A 666 -12.03 16.46 -9.16
N VAL A 667 -12.75 15.77 -8.32
CA VAL A 667 -12.66 14.35 -8.24
C VAL A 667 -13.33 13.80 -9.41
N ALA A 668 -14.28 14.54 -9.90
CA ALA A 668 -15.02 14.07 -11.10
C ALA A 668 -14.09 14.15 -12.30
N GLY A 669 -13.32 15.20 -12.33
CA GLY A 669 -12.43 15.48 -13.44
C GLY A 669 -11.38 14.40 -13.56
N ILE A 670 -10.75 14.07 -12.45
CA ILE A 670 -9.72 13.10 -12.43
C ILE A 670 -10.24 11.73 -12.89
N THR A 671 -11.33 11.27 -12.28
CA THR A 671 -11.88 9.96 -12.59
C THR A 671 -12.13 9.73 -14.11
N ASN A 672 -12.68 10.73 -14.78
CA ASN A 672 -12.94 10.63 -16.18
C ASN A 672 -11.66 10.34 -16.90
N LEU A 673 -10.59 11.06 -16.56
CA LEU A 673 -9.31 10.84 -17.26
C LEU A 673 -8.76 9.48 -16.95
N LYS A 674 -9.14 8.92 -15.81
CA LYS A 674 -8.54 7.68 -15.40
C LYS A 674 -9.15 6.49 -16.11
N LYS A 675 -10.30 6.74 -16.75
CA LYS A 675 -11.02 5.73 -17.52
C LYS A 675 -10.22 5.33 -18.75
N CYS A 676 -9.45 6.27 -19.30
CA CYS A 676 -8.64 6.00 -20.48
C CYS A 676 -7.41 5.18 -20.04
N SER A 677 -6.89 5.48 -18.84
CA SER A 677 -5.75 4.75 -18.30
C SER A 677 -5.55 4.89 -16.80
N THR A 678 -5.46 3.76 -16.10
CA THR A 678 -5.04 3.72 -14.67
C THR A 678 -3.63 3.20 -14.51
N SER A 679 -3.01 3.66 -13.44
CA SER A 679 -1.67 3.24 -13.09
C SER A 679 -1.74 1.92 -12.40
N PRO A 680 -0.62 1.27 -12.33
CA PRO A 680 -0.49 0.02 -11.65
C PRO A 680 -0.76 0.14 -10.16
N LEU A 681 -0.56 1.32 -9.60
CA LEU A 681 -0.75 1.54 -8.16
C LEU A 681 -2.23 1.75 -7.92
N LEU A 682 -2.92 2.28 -8.91
CA LEU A 682 -4.32 2.57 -8.80
C LEU A 682 -5.01 1.24 -8.83
N GLU A 683 -4.46 0.30 -9.62
CA GLU A 683 -5.06 -1.02 -9.83
C GLU A 683 -4.84 -1.84 -8.58
N ALA A 684 -3.74 -1.53 -7.94
CA ALA A 684 -3.32 -2.23 -6.75
C ALA A 684 -4.22 -1.92 -5.60
N CYS A 685 -4.42 -0.64 -5.30
CA CYS A 685 -5.25 -0.26 -4.18
C CYS A 685 -6.67 -0.67 -4.41
N GLU A 686 -7.12 -0.71 -5.65
CA GLU A 686 -8.52 -1.05 -5.92
C GLU A 686 -8.76 -2.47 -5.46
N PHE A 687 -7.74 -3.31 -5.60
CA PHE A 687 -7.86 -4.72 -5.26
C PHE A 687 -8.00 -4.79 -3.76
N LEU A 688 -7.24 -3.99 -3.07
CA LEU A 688 -7.14 -4.08 -1.63
C LEU A 688 -8.32 -3.49 -0.83
N ARG A 689 -9.08 -2.64 -1.48
CA ARG A 689 -10.26 -2.03 -0.89
C ARG A 689 -11.46 -2.99 -0.82
N LYS A 690 -11.73 -3.74 -1.90
CA LYS A 690 -12.79 -4.78 -1.94
C LYS A 690 -13.07 -5.49 -0.55
NA NA B . -5.24 -22.67 2.23
FE FE C . -4.99 -18.62 7.92
FE FE D . 0.73 21.78 -7.87
C CO3 E . -4.38 -19.56 10.19
O1 CO3 E . -3.77 -20.25 9.27
O2 CO3 E . -5.07 -18.49 9.87
O3 CO3 E . -4.26 -20.02 11.43
C CO3 F . 1.20 21.07 -10.12
O1 CO3 F . 1.49 20.40 -9.10
O2 CO3 F . 0.33 21.98 -10.01
O3 CO3 F . 1.74 20.82 -11.27
#